data_3SDQ
#
_entry.id   3SDQ
#
_cell.length_a   157.220
_cell.length_b   54.311
_cell.length_c   126.919
_cell.angle_alpha   90.00
_cell.angle_beta   119.43
_cell.angle_gamma   90.00
#
_symmetry.space_group_name_H-M   'C 1 2 1'
#
loop_
_entity.id
_entity.type
_entity.pdbx_description
1 polymer 'Alpha-bisabolene synthase'
2 non-polymer 'CHLORIDE ION'
3 non-polymer GLYCEROL
4 water water
#
_entity_poly.entity_id   1
_entity_poly.type   'polypeptide(L)'
_entity_poly.pdbx_seq_one_letter_code
;MAGVSAVSKVSSLVCDLSSTSGLIRRTANPHPNVWGYDLVHSLKSPYIDSSYRERAEVLVSEIKAMLNPAITGDGESMIT
PSAYDTAWVARVPAIDGSARPQFPQTVDWILKNQLKDGSWGIQSHFLLSDRLLATLSCVLVLLKWNVGDLQVEQGIEFIK
SNLELVKDETDQDSLVTDFEIIFPSLLREAQSLRLGLPYDLPYIHLLQTKRQERLAKLSREEIYAVPSPLLYSLEGIQDI
VEWERIMEVQSQDGSFLSSPASTACVFMHTGDAKCLEFLNSVMIKFGNFVPCLYPVDLLERLLIVDNIVRLGIYRHFEKE
IKEALDYVYRHWNERGIGWGRLNPIADLETTALGFRLLRLHRYNVSPAIFDNFKDANGKFICSTGQFNKDVASMLNLYRA
SQLAFPGENILDEAKSFATKYLREALEKSETSSAWNNKQNLSQEIKYALKTSWHASVPRVEAKRYCQVYRPDYARIAKCV
YKLPYVNNEKFLELGKLDFNIIQSIHQEEMKNVTSWFRDSGLPLFTFARERPLEFYFLVAAGTYEPQYAKCRFLFTKVAC
LQTVLDDMYDTYGTLDELKLFTEAVRRWDLSFTENLPDYMKLCYQIYYDIVHEVAWEAEKEQGRELVSFFRKGWEDYLLG
YYEEAEWLAAEYVPTLDEYIKNGITSIGQRILLLSGVLIMDGQLLSQEALEKVDYPGRRVLTELNSLISRLADDTKTYKA
EKARGELASSIECYMKDHPECTEEEALDHIYSILEPAVKELTREFLKPDDVPFACKKMLFEETRVTMVIFKDGDGFGVSK
LEVKDHIKECLIEPLPL
;
_entity_poly.pdbx_strand_id   A
#
# COMPACT_ATOMS: atom_id res chain seq x y z
N TRP A 35 -21.63 -17.26 17.55
CA TRP A 35 -22.27 -16.00 17.19
C TRP A 35 -23.68 -15.90 17.71
N GLY A 36 -24.57 -15.42 16.85
CA GLY A 36 -26.00 -15.43 17.15
C GLY A 36 -26.52 -14.14 17.74
N TYR A 37 -27.83 -13.95 17.62
CA TYR A 37 -28.53 -12.80 18.17
C TYR A 37 -27.82 -12.31 19.43
N ASP A 38 -27.51 -13.24 20.32
CA ASP A 38 -26.98 -12.94 21.65
C ASP A 38 -25.63 -12.23 21.66
N LEU A 39 -24.60 -12.93 21.18
CA LEU A 39 -23.25 -12.39 21.20
C LEU A 39 -23.11 -11.26 20.20
N VAL A 40 -24.20 -10.53 20.01
CA VAL A 40 -24.24 -9.41 19.06
C VAL A 40 -25.03 -8.26 19.66
N HIS A 41 -26.21 -8.58 20.21
CA HIS A 41 -27.00 -7.57 20.90
C HIS A 41 -26.37 -7.24 22.25
N SER A 42 -25.33 -8.00 22.59
CA SER A 42 -24.54 -7.76 23.79
C SER A 42 -23.46 -6.71 23.57
N LEU A 43 -23.22 -6.34 22.31
CA LEU A 43 -22.21 -5.33 22.01
C LEU A 43 -22.74 -3.95 22.37
N LYS A 44 -21.86 -3.09 22.87
CA LYS A 44 -22.28 -1.80 23.40
C LYS A 44 -21.59 -0.64 22.69
N SER A 45 -21.57 -0.70 21.36
CA SER A 45 -20.98 0.33 20.48
C SER A 45 -20.77 1.72 21.10
N PRO A 46 -19.63 1.92 21.77
CA PRO A 46 -19.39 3.18 22.50
C PRO A 46 -19.25 4.40 21.58
N TYR A 47 -18.67 4.17 20.39
CA TYR A 47 -18.31 5.24 19.46
C TYR A 47 -19.39 5.61 18.47
N ILE A 48 -20.60 5.14 18.73
CA ILE A 48 -21.76 5.45 17.92
C ILE A 48 -22.29 6.86 18.22
N ASP A 49 -21.99 7.40 19.40
CA ASP A 49 -22.48 8.72 19.77
C ASP A 49 -21.98 9.77 18.80
N SER A 50 -22.82 10.76 18.52
CA SER A 50 -22.48 11.76 17.49
C SER A 50 -21.23 12.55 17.85
N SER A 51 -20.92 12.64 19.14
CA SER A 51 -19.77 13.42 19.57
C SER A 51 -18.46 12.83 19.04
N TYR A 52 -18.38 11.51 18.92
CA TYR A 52 -17.18 10.90 18.35
C TYR A 52 -16.97 11.29 16.90
N ARG A 53 -18.04 11.24 16.10
CA ARG A 53 -17.94 11.66 14.72
C ARG A 53 -17.59 13.15 14.63
N GLU A 54 -18.12 13.96 15.56
CA GLU A 54 -17.79 15.39 15.54
C GLU A 54 -16.31 15.63 15.85
N ARG A 55 -15.77 14.89 16.80
CA ARG A 55 -14.35 14.92 17.07
C ARG A 55 -13.51 14.53 15.84
N ALA A 56 -13.94 13.48 15.14
CA ALA A 56 -13.27 13.05 13.92
C ALA A 56 -13.19 14.17 12.88
N GLU A 57 -14.27 14.94 12.76
CA GLU A 57 -14.30 16.07 11.83
C GLU A 57 -13.36 17.21 12.20
N VAL A 58 -13.17 17.46 13.50
CA VAL A 58 -12.15 18.39 13.94
C VAL A 58 -10.76 17.85 13.52
N LEU A 59 -10.52 16.57 13.76
CA LEU A 59 -9.25 15.97 13.35
C LEU A 59 -9.05 16.08 11.84
N VAL A 60 -10.09 15.80 11.09
CA VAL A 60 -10.00 15.95 9.65
C VAL A 60 -9.61 17.38 9.31
N SER A 61 -10.28 18.35 9.91
CA SER A 61 -10.01 19.71 9.53
C SER A 61 -8.59 20.12 9.95
N GLU A 62 -8.14 19.67 11.13
CA GLU A 62 -6.76 19.97 11.53
C GLU A 62 -5.75 19.32 10.57
N ILE A 63 -6.10 18.17 10.02
CA ILE A 63 -5.15 17.47 9.17
C ILE A 63 -5.06 18.22 7.85
N LYS A 64 -6.20 18.66 7.32
CA LYS A 64 -6.21 19.48 6.12
C LYS A 64 -5.37 20.75 6.28
N ALA A 65 -5.44 21.38 7.43
CA ALA A 65 -4.70 22.62 7.66
C ALA A 65 -3.23 22.30 7.77
N MET A 66 -2.92 21.14 8.36
CA MET A 66 -1.55 20.75 8.54
C MET A 66 -0.87 20.44 7.19
N LEU A 67 -1.62 19.83 6.29
CA LEU A 67 -1.11 19.42 4.99
C LEU A 67 -1.11 20.55 3.97
N ASN A 68 -1.85 21.61 4.26
CA ASN A 68 -1.97 22.64 3.27
C ASN A 68 -0.62 23.16 2.73
N PRO A 69 0.33 23.52 3.62
CA PRO A 69 1.59 24.05 3.10
C PRO A 69 2.32 23.06 2.19
N ALA A 70 2.15 21.78 2.46
CA ALA A 70 2.87 20.73 1.72
C ALA A 70 2.35 20.46 0.32
N ILE A 71 1.07 20.71 0.09
CA ILE A 71 0.48 20.32 -1.17
C ILE A 71 -0.04 21.49 -2.01
N THR A 72 -0.36 22.60 -1.34
CA THR A 72 -0.89 23.77 -2.03
C THR A 72 -0.06 25.01 -1.74
N GLY A 73 0.64 25.00 -0.61
CA GLY A 73 1.51 26.10 -0.24
C GLY A 73 2.95 25.92 -0.69
N ASP A 74 3.85 26.61 -0.01
CA ASP A 74 5.27 26.55 -0.37
C ASP A 74 6.09 25.87 0.72
N GLY A 75 5.42 25.47 1.79
CA GLY A 75 6.06 24.81 2.90
C GLY A 75 6.32 23.34 2.63
N GLU A 76 6.35 22.98 1.35
CA GLU A 76 6.66 21.61 0.96
C GLU A 76 8.04 21.19 1.49
N SER A 77 8.33 19.89 1.41
CA SER A 77 9.60 19.35 1.88
C SER A 77 9.92 19.71 3.33
N MET A 78 9.06 19.33 4.26
CA MET A 78 9.34 19.52 5.67
C MET A 78 10.15 18.36 6.21
N ILE A 79 11.37 18.63 6.64
CA ILE A 79 12.33 17.60 6.94
C ILE A 79 13.26 18.12 8.02
N THR A 80 13.67 17.25 8.93
CA THR A 80 14.49 17.64 10.07
C THR A 80 15.92 18.03 9.63
N PRO A 81 16.69 18.68 10.53
CA PRO A 81 18.07 19.11 10.23
C PRO A 81 19.02 17.96 10.05
N SER A 82 20.04 18.17 9.23
CA SER A 82 21.16 17.23 9.13
C SER A 82 22.37 17.95 9.69
N ALA A 83 22.79 17.57 10.89
CA ALA A 83 23.98 18.17 11.48
C ALA A 83 25.17 17.96 10.56
N TYR A 84 25.19 16.81 9.89
CA TYR A 84 26.29 16.51 8.97
C TYR A 84 26.34 17.48 7.80
N ASP A 85 25.21 17.71 7.13
CA ASP A 85 25.20 18.57 5.96
C ASP A 85 25.36 20.02 6.35
N THR A 86 24.84 20.36 7.52
CA THR A 86 24.92 21.72 8.02
C THR A 86 26.39 22.07 8.25
N ALA A 87 27.14 21.12 8.80
CA ALA A 87 28.58 21.28 8.99
C ALA A 87 29.34 21.47 7.67
N TRP A 88 28.92 20.77 6.63
CA TRP A 88 29.55 20.94 5.33
C TRP A 88 29.24 22.32 4.77
N VAL A 89 27.99 22.74 4.88
CA VAL A 89 27.61 24.08 4.44
C VAL A 89 28.37 25.12 5.25
N ALA A 90 28.62 24.84 6.53
CA ALA A 90 29.31 25.78 7.40
C ALA A 90 30.78 25.96 6.99
N ARG A 91 31.27 25.07 6.14
CA ARG A 91 32.65 25.12 5.73
C ARG A 91 32.88 26.19 4.69
N VAL A 92 31.83 26.50 3.93
CA VAL A 92 31.96 27.43 2.83
C VAL A 92 32.43 28.80 3.34
N PRO A 93 33.60 29.28 2.85
CA PRO A 93 34.13 30.56 3.28
C PRO A 93 33.41 31.72 2.59
N ALA A 94 33.35 32.87 3.26
CA ALA A 94 32.71 34.07 2.72
C ALA A 94 33.14 34.33 1.28
N ILE A 95 32.19 34.56 0.39
CA ILE A 95 32.55 34.80 -1.01
C ILE A 95 33.22 36.15 -1.21
N ASP A 96 33.33 36.93 -0.14
CA ASP A 96 34.03 38.22 -0.24
C ASP A 96 35.52 38.11 0.12
N GLY A 97 35.98 36.89 0.38
CA GLY A 97 37.40 36.65 0.62
C GLY A 97 37.86 36.83 2.08
N SER A 98 36.97 37.33 2.94
CA SER A 98 37.28 37.46 4.36
C SER A 98 37.39 36.09 5.05
N ALA A 99 37.98 36.07 6.24
CA ALA A 99 38.21 34.81 6.95
C ALA A 99 37.06 34.42 7.88
N ARG A 100 35.90 34.18 7.29
CA ARG A 100 34.74 33.74 8.04
C ARG A 100 33.82 32.96 7.14
N PRO A 101 32.84 32.26 7.73
CA PRO A 101 31.95 31.44 6.90
C PRO A 101 31.01 32.31 6.09
N GLN A 102 30.66 31.86 4.89
CA GLN A 102 29.63 32.52 4.08
C GLN A 102 28.24 32.43 4.73
N PHE A 103 28.03 31.39 5.52
CA PHE A 103 26.76 31.18 6.20
C PHE A 103 27.00 31.01 7.70
N PRO A 104 27.34 32.10 8.41
CA PRO A 104 27.72 31.99 9.82
C PRO A 104 26.62 31.42 10.73
N GLN A 105 25.36 31.56 10.32
CA GLN A 105 24.25 31.01 11.10
C GLN A 105 24.33 29.49 11.27
N THR A 106 24.89 28.79 10.30
CA THR A 106 25.07 27.35 10.42
C THR A 106 26.07 26.98 11.53
N VAL A 107 27.12 27.78 11.66
CA VAL A 107 28.09 27.57 12.73
C VAL A 107 27.38 27.78 14.07
N ASP A 108 26.56 28.80 14.14
CA ASP A 108 25.85 29.08 15.36
C ASP A 108 24.94 27.91 15.71
N TRP A 109 24.26 27.37 14.71
CA TRP A 109 23.38 26.23 14.91
C TRP A 109 24.18 25.09 15.51
N ILE A 110 25.33 24.80 14.92
CA ILE A 110 26.11 23.65 15.34
C ILE A 110 26.54 23.79 16.78
N LEU A 111 27.02 24.98 17.12
CA LEU A 111 27.51 25.26 18.46
C LEU A 111 26.39 25.10 19.48
N LYS A 112 25.16 25.36 19.04
CA LYS A 112 24.03 25.33 19.96
C LYS A 112 23.24 24.02 19.98
N ASN A 113 23.58 23.08 19.09
CA ASN A 113 22.80 21.84 19.03
C ASN A 113 23.52 20.54 19.30
N GLN A 114 24.63 20.60 20.02
CA GLN A 114 25.32 19.37 20.40
C GLN A 114 24.48 18.62 21.44
N LEU A 115 24.42 17.29 21.34
CA LEU A 115 23.64 16.50 22.29
C LEU A 115 24.42 16.30 23.58
N LYS A 116 23.74 15.92 24.66
CA LYS A 116 24.39 15.77 25.96
C LYS A 116 25.62 14.88 25.93
N ASP A 117 25.60 13.86 25.07
CA ASP A 117 26.69 12.87 25.06
C ASP A 117 27.87 13.31 24.19
N GLY A 118 27.78 14.50 23.61
CA GLY A 118 28.85 15.05 22.79
C GLY A 118 28.70 14.83 21.30
N SER A 119 27.65 14.09 20.92
CA SER A 119 27.38 13.83 19.52
C SER A 119 26.42 14.87 18.96
N TRP A 120 26.26 14.86 17.64
CA TRP A 120 25.19 15.63 17.00
C TRP A 120 24.28 14.65 16.29
N GLY A 121 22.99 14.97 16.22
CA GLY A 121 22.01 14.09 15.60
C GLY A 121 20.63 14.25 16.24
N ILE A 122 19.70 13.36 15.89
CA ILE A 122 18.37 13.44 16.48
C ILE A 122 18.36 12.66 17.79
N GLN A 123 18.02 13.35 18.87
CA GLN A 123 18.01 12.74 20.20
C GLN A 123 17.06 11.53 20.33
N SER A 124 15.92 11.56 19.66
CA SER A 124 14.91 10.52 19.84
C SER A 124 15.37 9.15 19.34
N HIS A 125 16.32 9.16 18.41
CA HIS A 125 16.78 7.94 17.76
C HIS A 125 18.30 7.95 17.70
N PHE A 126 18.93 6.97 18.33
CA PHE A 126 20.38 6.83 18.28
C PHE A 126 20.81 5.82 17.22
N LEU A 127 21.53 6.28 16.21
CA LEU A 127 22.17 5.36 15.26
C LEU A 127 23.67 5.64 15.17
N LEU A 128 24.49 4.66 15.53
CA LEU A 128 25.93 4.86 15.63
C LEU A 128 26.53 5.52 14.40
N SER A 129 26.27 4.96 13.22
CA SER A 129 26.89 5.49 12.02
C SER A 129 26.45 6.92 11.77
N ASP A 130 25.18 7.22 12.07
CA ASP A 130 24.69 8.60 11.96
C ASP A 130 25.41 9.54 12.92
N ARG A 131 25.47 9.20 14.20
CA ARG A 131 26.16 10.05 15.17
C ARG A 131 27.62 10.21 14.80
N LEU A 132 28.29 9.08 14.56
CA LEU A 132 29.70 9.10 14.19
C LEU A 132 29.96 10.07 13.05
N LEU A 133 29.21 9.91 11.97
CA LEU A 133 29.42 10.72 10.78
C LEU A 133 29.18 12.21 11.05
N ALA A 134 28.04 12.52 11.66
CA ALA A 134 27.65 13.91 11.88
C ALA A 134 28.60 14.60 12.86
N THR A 135 28.96 13.88 13.91
CA THR A 135 29.81 14.44 14.96
C THR A 135 31.20 14.78 14.42
N LEU A 136 31.79 13.90 13.63
CA LEU A 136 33.12 14.17 13.10
C LEU A 136 33.03 15.34 12.11
N SER A 137 31.94 15.38 11.35
CA SER A 137 31.72 16.47 10.42
C SER A 137 31.68 17.83 11.16
N CYS A 138 30.95 17.89 12.27
CA CYS A 138 30.81 19.11 13.04
C CYS A 138 32.12 19.48 13.71
N VAL A 139 32.77 18.49 14.33
CA VAL A 139 34.06 18.72 14.96
C VAL A 139 35.03 19.39 13.98
N LEU A 140 35.16 18.82 12.80
CA LEU A 140 36.10 19.33 11.82
C LEU A 140 35.77 20.75 11.37
N VAL A 141 34.49 21.10 11.26
CA VAL A 141 34.16 22.46 10.82
C VAL A 141 34.39 23.47 11.95
N LEU A 142 34.14 23.06 13.18
CA LEU A 142 34.40 23.94 14.30
C LEU A 142 35.89 24.27 14.33
N LEU A 143 36.73 23.24 14.18
CA LEU A 143 38.16 23.42 14.15
C LEU A 143 38.59 24.39 13.04
N LYS A 144 38.05 24.20 11.84
CA LYS A 144 38.33 25.09 10.72
C LYS A 144 38.26 26.57 11.11
N TRP A 145 37.15 26.94 11.74
CA TRP A 145 36.89 28.34 12.09
C TRP A 145 37.43 28.70 13.46
N ASN A 146 38.21 27.78 14.05
CA ASN A 146 38.81 27.99 15.37
C ASN A 146 37.80 28.50 16.40
N VAL A 147 36.75 27.72 16.64
CA VAL A 147 35.71 28.06 17.61
C VAL A 147 35.20 26.77 18.27
N GLY A 148 34.31 26.92 19.26
CA GLY A 148 33.69 25.79 19.92
C GLY A 148 34.68 24.76 20.47
N ASP A 149 35.72 25.25 21.12
CA ASP A 149 36.76 24.40 21.67
C ASP A 149 36.23 23.32 22.62
N LEU A 150 35.10 23.59 23.26
CA LEU A 150 34.57 22.66 24.23
C LEU A 150 33.66 21.63 23.56
N GLN A 151 32.91 22.08 22.57
CA GLN A 151 32.08 21.18 21.78
C GLN A 151 32.98 20.19 21.06
N VAL A 152 34.13 20.70 20.60
CA VAL A 152 35.11 19.88 19.91
C VAL A 152 35.66 18.76 20.81
N GLU A 153 36.06 19.08 22.03
CA GLU A 153 36.58 18.04 22.91
C GLU A 153 35.51 17.06 23.39
N GLN A 154 34.25 17.46 23.35
CA GLN A 154 33.18 16.55 23.69
C GLN A 154 32.85 15.62 22.52
N GLY A 155 32.92 16.16 21.31
CA GLY A 155 32.67 15.38 20.11
C GLY A 155 33.76 14.36 19.88
N ILE A 156 35.00 14.78 20.08
CA ILE A 156 36.12 13.88 19.92
C ILE A 156 36.01 12.73 20.92
N GLU A 157 35.71 13.05 22.17
CA GLU A 157 35.52 12.03 23.19
C GLU A 157 34.46 11.02 22.76
N PHE A 158 33.36 11.52 22.22
CA PHE A 158 32.26 10.66 21.81
C PHE A 158 32.69 9.70 20.69
N ILE A 159 33.34 10.25 19.67
CA ILE A 159 33.79 9.45 18.55
C ILE A 159 34.76 8.37 19.01
N LYS A 160 35.70 8.75 19.86
CA LYS A 160 36.72 7.84 20.35
C LYS A 160 36.11 6.78 21.29
N SER A 161 35.23 7.25 22.18
CA SER A 161 34.50 6.35 23.06
C SER A 161 33.71 5.30 22.28
N ASN A 162 32.81 5.76 21.41
CA ASN A 162 31.88 4.85 20.74
C ASN A 162 32.52 3.94 19.70
N LEU A 163 33.61 4.41 19.10
CA LEU A 163 34.35 3.60 18.13
C LEU A 163 34.95 2.34 18.77
N GLU A 164 35.14 2.38 20.07
CA GLU A 164 35.83 1.31 20.76
C GLU A 164 34.85 0.27 21.31
N LEU A 165 33.57 0.57 21.22
CA LEU A 165 32.55 -0.39 21.59
C LEU A 165 32.31 -1.40 20.48
N VAL A 166 32.71 -1.04 19.26
CA VAL A 166 32.53 -1.91 18.10
C VAL A 166 33.59 -3.01 18.06
N LYS A 167 33.20 -4.22 18.41
CA LYS A 167 34.10 -5.35 18.38
C LYS A 167 34.22 -5.89 16.95
N ASP A 168 33.08 -6.20 16.34
CA ASP A 168 33.06 -6.69 14.96
C ASP A 168 32.00 -5.97 14.12
N GLU A 169 31.74 -6.49 12.92
CA GLU A 169 30.81 -5.87 11.99
C GLU A 169 29.37 -5.96 12.49
N THR A 170 29.01 -7.13 13.02
CA THR A 170 27.64 -7.36 13.48
C THR A 170 27.22 -6.36 14.55
N ASP A 171 28.12 -5.46 14.93
CA ASP A 171 27.84 -4.43 15.93
C ASP A 171 27.72 -3.03 15.34
N GLN A 172 28.19 -2.84 14.12
CA GLN A 172 28.22 -1.50 13.52
C GLN A 172 26.81 -0.90 13.35
N ASP A 173 25.81 -1.78 13.29
CA ASP A 173 24.43 -1.36 13.07
C ASP A 173 24.18 -0.89 11.65
N SER A 174 22.98 -0.36 11.38
CA SER A 174 22.62 0.11 10.06
C SER A 174 23.47 1.31 9.67
N LEU A 175 23.82 1.39 8.40
CA LEU A 175 24.72 2.44 7.94
C LEU A 175 23.99 3.50 7.16
N VAL A 176 24.23 4.76 7.51
CA VAL A 176 23.70 5.85 6.70
C VAL A 176 24.32 5.72 5.31
N THR A 177 23.73 6.42 4.34
CA THR A 177 24.19 6.35 2.97
C THR A 177 25.69 6.65 2.81
N ASP A 178 26.37 5.79 2.07
CA ASP A 178 27.79 5.92 1.71
C ASP A 178 28.73 6.14 2.89
N PHE A 179 28.34 5.64 4.05
CA PHE A 179 29.19 5.74 5.22
C PHE A 179 30.58 5.13 5.02
N GLU A 180 30.63 3.97 4.36
CA GLU A 180 31.90 3.28 4.19
C GLU A 180 32.84 4.11 3.33
N ILE A 181 32.29 4.96 2.48
CA ILE A 181 33.11 5.77 1.60
C ILE A 181 33.50 7.07 2.28
N ILE A 182 32.51 7.74 2.88
CA ILE A 182 32.73 9.07 3.42
C ILE A 182 33.57 9.06 4.68
N PHE A 183 33.27 8.13 5.59
CA PHE A 183 33.86 8.21 6.92
C PHE A 183 35.38 8.06 6.95
N PRO A 184 35.92 7.07 6.22
CA PRO A 184 37.38 6.96 6.22
C PRO A 184 38.07 8.22 5.71
N SER A 185 37.44 8.96 4.81
CA SER A 185 38.13 10.10 4.22
C SER A 185 38.00 11.32 5.13
N LEU A 186 36.94 11.32 5.93
CA LEU A 186 36.74 12.34 6.95
C LEU A 186 37.75 12.08 8.06
N LEU A 187 37.91 10.80 8.36
CA LEU A 187 38.85 10.37 9.39
C LEU A 187 40.31 10.63 8.97
N ARG A 188 40.58 10.53 7.67
CA ARG A 188 41.91 10.93 7.18
C ARG A 188 42.13 12.43 7.33
N GLU A 189 41.10 13.23 7.07
CA GLU A 189 41.19 14.67 7.33
C GLU A 189 41.54 14.94 8.79
N ALA A 190 40.85 14.26 9.71
CA ALA A 190 41.14 14.40 11.13
C ALA A 190 42.57 14.02 11.43
N GLN A 191 43.05 12.97 10.77
CA GLN A 191 44.38 12.43 11.02
C GLN A 191 45.47 13.43 10.66
N SER A 192 45.24 14.18 9.58
CA SER A 192 46.21 15.18 9.17
C SER A 192 46.25 16.31 10.18
N LEU A 193 45.12 16.55 10.86
CA LEU A 193 45.06 17.54 11.92
C LEU A 193 45.55 16.99 13.25
N ARG A 194 45.85 15.69 13.28
CA ARG A 194 46.38 15.02 14.48
C ARG A 194 45.42 15.02 15.67
N LEU A 195 44.17 14.62 15.43
CA LEU A 195 43.18 14.51 16.48
C LEU A 195 43.33 13.18 17.22
N GLY A 196 43.09 13.20 18.52
CA GLY A 196 43.25 12.01 19.35
C GLY A 196 42.18 10.96 19.11
N LEU A 197 42.09 10.49 17.87
CA LEU A 197 41.16 9.43 17.50
C LEU A 197 41.94 8.14 17.27
N PRO A 198 41.26 6.98 17.40
CA PRO A 198 41.93 5.69 17.29
C PRO A 198 42.02 5.19 15.84
N TYR A 199 42.86 5.84 15.04
CA TYR A 199 42.95 5.56 13.60
C TYR A 199 43.37 4.13 13.29
N ASP A 200 43.81 3.40 14.30
CA ASP A 200 44.37 2.08 14.06
C ASP A 200 43.43 0.92 14.39
N LEU A 201 42.24 1.23 14.90
CA LEU A 201 41.26 0.18 15.21
C LEU A 201 40.92 -0.67 13.99
N PRO A 202 40.83 -1.99 14.19
CA PRO A 202 40.54 -2.92 13.09
C PRO A 202 39.30 -2.50 12.31
N TYR A 203 38.23 -2.18 13.03
CA TYR A 203 37.01 -1.72 12.39
C TYR A 203 37.24 -0.58 11.40
N ILE A 204 38.17 0.33 11.75
CA ILE A 204 38.55 1.41 10.84
C ILE A 204 39.20 0.87 9.56
N HIS A 205 40.05 -0.14 9.72
CA HIS A 205 40.76 -0.73 8.60
C HIS A 205 39.77 -1.46 7.69
N LEU A 206 38.80 -2.10 8.33
CA LEU A 206 37.74 -2.78 7.60
C LEU A 206 36.94 -1.77 6.75
N LEU A 207 36.69 -0.60 7.31
CA LEU A 207 35.98 0.41 6.54
C LEU A 207 36.79 0.85 5.31
N GLN A 208 38.08 1.10 5.48
CA GLN A 208 38.92 1.43 4.32
C GLN A 208 38.90 0.29 3.29
N THR A 209 39.01 -0.95 3.74
CA THR A 209 38.89 -2.07 2.83
C THR A 209 37.59 -1.99 2.02
N LYS A 210 36.49 -1.67 2.70
CA LYS A 210 35.19 -1.60 2.06
C LYS A 210 35.09 -0.40 1.12
N ARG A 211 35.67 0.73 1.52
CA ARG A 211 35.81 1.86 0.59
C ARG A 211 36.58 1.42 -0.67
N GLN A 212 37.74 0.77 -0.48
CA GLN A 212 38.57 0.40 -1.62
C GLN A 212 37.82 -0.52 -2.58
N GLU A 213 36.94 -1.36 -2.04
CA GLU A 213 36.21 -2.32 -2.85
C GLU A 213 35.02 -1.70 -3.58
N ARG A 214 34.42 -0.68 -3.01
CA ARG A 214 33.35 0.04 -3.70
C ARG A 214 33.96 0.89 -4.82
N LEU A 215 35.10 1.47 -4.52
CA LEU A 215 35.78 2.35 -5.48
C LEU A 215 36.30 1.57 -6.68
N ALA A 216 36.92 0.42 -6.42
CA ALA A 216 37.40 -0.45 -7.51
C ALA A 216 36.39 -0.60 -8.64
N LYS A 217 35.13 -0.88 -8.29
CA LYS A 217 34.07 -1.16 -9.25
C LYS A 217 33.41 0.10 -9.80
N LEU A 218 34.04 1.24 -9.57
CA LEU A 218 33.45 2.50 -10.00
C LEU A 218 34.00 2.89 -11.37
N SER A 219 33.11 3.16 -12.33
CA SER A 219 33.54 3.70 -13.60
C SER A 219 33.75 5.20 -13.50
N ARG A 220 35.01 5.63 -13.61
CA ARG A 220 35.32 7.04 -13.37
C ARG A 220 34.86 7.93 -14.51
N GLU A 221 35.16 7.53 -15.74
CA GLU A 221 34.69 8.24 -16.92
C GLU A 221 33.14 8.42 -16.94
N GLU A 222 32.40 7.39 -16.52
CA GLU A 222 30.93 7.48 -16.46
C GLU A 222 30.42 8.60 -15.52
N ILE A 223 31.17 8.88 -14.46
CA ILE A 223 30.76 9.87 -13.46
C ILE A 223 30.40 11.20 -14.11
N TYR A 224 31.17 11.58 -15.12
CA TYR A 224 31.05 12.90 -15.72
C TYR A 224 29.98 12.93 -16.79
N ALA A 225 29.60 11.76 -17.28
CA ALA A 225 28.71 11.65 -18.43
C ALA A 225 27.28 11.31 -18.04
N VAL A 226 27.13 10.38 -17.10
CA VAL A 226 25.82 9.88 -16.72
C VAL A 226 25.59 10.07 -15.21
N PRO A 227 24.54 10.82 -14.85
CA PRO A 227 24.26 11.06 -13.42
C PRO A 227 24.17 9.74 -12.66
N SER A 228 24.79 9.64 -11.49
CA SER A 228 24.75 8.39 -10.73
C SER A 228 24.56 8.68 -9.25
N PRO A 229 24.27 7.64 -8.46
CA PRO A 229 24.05 7.79 -7.01
C PRO A 229 25.22 8.38 -6.25
N LEU A 230 26.43 8.32 -6.82
CA LEU A 230 27.61 8.83 -6.12
C LEU A 230 27.67 10.36 -6.09
N LEU A 231 26.96 11.01 -6.99
CA LEU A 231 26.87 12.47 -6.94
C LEU A 231 26.28 12.96 -5.60
N TYR A 232 25.63 12.05 -4.88
CA TYR A 232 25.02 12.41 -3.59
C TYR A 232 26.08 12.56 -2.50
N SER A 233 27.29 12.11 -2.79
CA SER A 233 28.35 12.06 -1.78
C SER A 233 29.72 12.45 -2.33
N LEU A 234 29.77 13.49 -3.17
CA LEU A 234 31.06 13.90 -3.72
C LEU A 234 32.04 14.33 -2.64
N GLU A 235 31.53 14.72 -1.47
CA GLU A 235 32.40 15.21 -0.41
C GLU A 235 33.27 14.08 0.13
N GLY A 236 32.86 12.83 -0.13
CA GLY A 236 33.61 11.68 0.32
C GLY A 236 34.65 11.14 -0.66
N ILE A 237 34.59 11.59 -1.91
CA ILE A 237 35.56 11.14 -2.90
C ILE A 237 36.27 12.28 -3.62
N GLN A 238 36.75 13.26 -2.85
CA GLN A 238 37.34 14.45 -3.43
C GLN A 238 38.63 14.19 -4.22
N ASP A 239 39.42 13.23 -3.77
CA ASP A 239 40.66 12.88 -4.48
C ASP A 239 40.36 12.34 -5.87
N ILE A 240 39.20 11.72 -6.03
CA ILE A 240 38.86 11.03 -7.26
C ILE A 240 38.29 11.96 -8.32
N VAL A 241 37.53 12.95 -7.89
CA VAL A 241 36.76 13.73 -8.84
C VAL A 241 37.55 14.85 -9.50
N GLU A 242 37.42 14.94 -10.83
CA GLU A 242 37.92 16.09 -11.60
C GLU A 242 36.84 17.16 -11.65
N TRP A 243 36.97 18.16 -10.78
CA TRP A 243 35.90 19.16 -10.60
C TRP A 243 35.58 19.90 -11.90
N GLU A 244 36.56 19.97 -12.80
CA GLU A 244 36.35 20.71 -14.05
C GLU A 244 35.43 20.00 -15.03
N ARG A 245 35.07 18.76 -14.74
CA ARG A 245 34.22 17.98 -15.63
C ARG A 245 32.91 17.60 -14.96
N ILE A 246 32.77 17.88 -13.68
CA ILE A 246 31.64 17.36 -12.90
C ILE A 246 30.34 18.14 -13.12
N MET A 247 30.42 19.30 -13.76
CA MET A 247 29.25 20.17 -13.91
C MET A 247 28.22 19.70 -14.93
N GLU A 248 28.62 18.82 -15.83
CA GLU A 248 27.70 18.34 -16.86
C GLU A 248 26.59 17.54 -16.21
N VAL A 249 26.83 17.09 -14.98
CA VAL A 249 25.90 16.21 -14.31
C VAL A 249 25.22 16.87 -13.10
N GLN A 250 25.38 18.20 -13.01
CA GLN A 250 24.73 19.00 -11.98
C GLN A 250 23.22 19.06 -12.21
N SER A 251 22.42 19.05 -11.16
CA SER A 251 20.96 19.18 -11.32
C SER A 251 20.58 20.58 -11.80
N GLN A 252 19.40 20.69 -12.36
CA GLN A 252 18.94 21.95 -12.89
C GLN A 252 18.83 23.06 -11.82
N ASP A 253 18.68 22.68 -10.55
CA ASP A 253 18.60 23.66 -9.46
C ASP A 253 19.98 23.95 -8.89
N GLY A 254 20.99 23.35 -9.51
CA GLY A 254 22.36 23.62 -9.14
C GLY A 254 22.91 22.67 -8.11
N SER A 255 22.06 21.80 -7.59
CA SER A 255 22.52 20.82 -6.60
C SER A 255 23.22 19.65 -7.27
N PHE A 256 23.95 18.90 -6.46
CA PHE A 256 24.39 17.58 -6.89
C PHE A 256 23.56 16.50 -6.17
N LEU A 257 22.67 15.89 -6.95
CA LEU A 257 21.69 14.90 -6.47
C LEU A 257 21.02 15.32 -5.14
N SER A 258 20.69 16.60 -5.07
CA SER A 258 19.88 17.15 -4.00
C SER A 258 20.57 17.15 -2.64
N SER A 259 21.89 16.95 -2.63
CA SER A 259 22.64 16.96 -1.36
C SER A 259 23.36 18.28 -1.10
N PRO A 260 23.08 18.90 0.06
CA PRO A 260 23.77 20.16 0.42
C PRO A 260 25.26 19.95 0.66
N ALA A 261 25.64 18.89 1.38
CA ALA A 261 27.05 18.61 1.65
C ALA A 261 27.83 18.47 0.35
N SER A 262 27.29 17.65 -0.55
CA SER A 262 27.95 17.31 -1.80
C SER A 262 28.07 18.55 -2.67
N THR A 263 26.99 19.32 -2.75
CA THR A 263 26.99 20.59 -3.46
C THR A 263 27.94 21.63 -2.87
N ALA A 264 27.96 21.74 -1.54
CA ALA A 264 28.89 22.63 -0.85
C ALA A 264 30.34 22.34 -1.28
N CYS A 265 30.66 21.05 -1.35
CA CYS A 265 32.00 20.59 -1.71
C CYS A 265 32.35 21.03 -3.13
N VAL A 266 31.44 20.79 -4.07
CA VAL A 266 31.68 21.23 -5.42
C VAL A 266 31.83 22.74 -5.47
N PHE A 267 31.08 23.46 -4.64
CA PHE A 267 31.20 24.91 -4.69
C PHE A 267 32.58 25.35 -4.23
N MET A 268 33.09 24.76 -3.15
CA MET A 268 34.38 25.16 -2.62
C MET A 268 35.54 24.87 -3.57
N HIS A 269 35.33 23.95 -4.51
CA HIS A 269 36.37 23.62 -5.48
C HIS A 269 36.22 24.40 -6.78
N THR A 270 35.01 24.86 -7.07
CA THR A 270 34.75 25.43 -8.39
C THR A 270 34.27 26.86 -8.35
N GLY A 271 33.64 27.25 -7.25
CA GLY A 271 33.05 28.58 -7.16
C GLY A 271 31.88 28.73 -8.12
N ASP A 272 31.30 27.60 -8.53
CA ASP A 272 30.20 27.61 -9.49
C ASP A 272 28.96 28.31 -8.90
N ALA A 273 28.37 29.21 -9.68
CA ALA A 273 27.28 30.06 -9.20
C ALA A 273 26.00 29.29 -8.92
N LYS A 274 25.69 28.26 -9.70
CA LYS A 274 24.43 27.55 -9.47
C LYS A 274 24.49 26.72 -8.20
N CYS A 275 25.67 26.19 -7.90
CA CYS A 275 25.87 25.55 -6.60
C CYS A 275 25.53 26.53 -5.48
N LEU A 276 26.00 27.77 -5.60
CA LEU A 276 25.77 28.74 -4.55
C LEU A 276 24.29 29.03 -4.44
N GLU A 277 23.65 29.22 -5.59
CA GLU A 277 22.20 29.46 -5.61
C GLU A 277 21.43 28.37 -4.90
N PHE A 278 21.91 27.12 -5.00
CA PHE A 278 21.20 26.02 -4.35
C PHE A 278 21.41 26.06 -2.86
N LEU A 279 22.64 26.29 -2.42
CA LEU A 279 22.89 26.48 -0.98
C LEU A 279 22.04 27.64 -0.43
N ASN A 280 22.00 28.73 -1.16
CA ASN A 280 21.18 29.86 -0.74
C ASN A 280 19.72 29.51 -0.58
N SER A 281 19.16 28.74 -1.52
CA SER A 281 17.73 28.45 -1.51
C SER A 281 17.39 27.55 -0.32
N VAL A 282 18.32 26.70 0.07
CA VAL A 282 18.10 25.83 1.22
C VAL A 282 18.18 26.60 2.55
N MET A 283 19.13 27.53 2.63
CA MET A 283 19.24 28.39 3.82
C MET A 283 18.01 29.29 3.96
N ILE A 284 17.60 29.90 2.86
CA ILE A 284 16.40 30.74 2.83
C ILE A 284 15.16 29.97 3.35
N LYS A 285 15.11 28.70 2.99
CA LYS A 285 13.99 27.82 3.31
C LYS A 285 14.04 27.39 4.78
N PHE A 286 15.22 27.03 5.28
CA PHE A 286 15.30 26.48 6.62
C PHE A 286 15.86 27.41 7.68
N GLY A 287 16.55 28.46 7.26
CA GLY A 287 17.03 29.44 8.22
C GLY A 287 18.48 29.29 8.62
N ASN A 288 18.77 28.34 9.51
CA ASN A 288 20.12 28.19 10.05
C ASN A 288 20.66 26.75 10.01
N PHE A 289 19.96 25.87 9.30
CA PHE A 289 20.42 24.49 9.15
C PHE A 289 19.99 24.00 7.78
N VAL A 290 20.53 22.86 7.34
CA VAL A 290 20.07 22.19 6.12
C VAL A 290 19.77 20.73 6.42
N PRO A 291 18.87 20.11 5.62
CA PRO A 291 18.58 18.69 5.73
C PRO A 291 19.56 17.91 4.85
N CYS A 292 19.43 16.59 4.79
CA CYS A 292 20.36 15.78 3.97
C CYS A 292 19.85 15.54 2.55
N LEU A 293 18.67 16.09 2.24
CA LEU A 293 18.03 15.91 0.95
C LEU A 293 17.14 17.10 0.70
N TYR A 294 17.24 17.70 -0.46
CA TYR A 294 16.35 18.78 -0.77
C TYR A 294 16.26 19.13 -2.24
N PRO A 295 15.03 19.24 -2.75
CA PRO A 295 13.75 18.98 -2.09
C PRO A 295 13.38 17.51 -2.06
N VAL A 296 12.27 17.20 -1.39
CA VAL A 296 11.72 15.85 -1.38
C VAL A 296 10.24 15.94 -1.79
N ASP A 297 9.94 16.88 -2.67
CA ASP A 297 8.58 17.19 -3.02
C ASP A 297 7.75 16.02 -3.58
N LEU A 298 8.35 15.23 -4.47
CA LEU A 298 7.64 14.07 -5.02
C LEU A 298 7.46 12.93 -4.02
N LEU A 299 8.53 12.51 -3.37
CA LEU A 299 8.45 11.38 -2.45
C LEU A 299 7.53 11.72 -1.26
N GLU A 300 7.66 12.94 -0.72
CA GLU A 300 6.87 13.34 0.44
C GLU A 300 5.39 13.34 0.12
N ARG A 301 5.02 13.89 -1.03
CA ARG A 301 3.62 13.89 -1.44
C ARG A 301 3.10 12.47 -1.57
N LEU A 302 3.92 11.57 -2.11
CA LEU A 302 3.49 10.19 -2.26
C LEU A 302 3.45 9.46 -0.93
N LEU A 303 4.35 9.80 -0.01
CA LEU A 303 4.32 9.13 1.29
C LEU A 303 3.10 9.56 2.15
N ILE A 304 2.66 10.79 1.97
CA ILE A 304 1.47 11.29 2.66
C ILE A 304 0.22 10.54 2.17
N VAL A 305 0.03 10.48 0.87
CA VAL A 305 -1.06 9.75 0.28
C VAL A 305 -0.98 8.30 0.71
N ASP A 306 0.18 7.67 0.53
CA ASP A 306 0.32 6.26 0.90
C ASP A 306 -0.18 6.02 2.31
N ASN A 307 0.26 6.85 3.27
CA ASN A 307 -0.10 6.61 4.67
C ASN A 307 -1.57 6.91 4.97
N ILE A 308 -2.10 8.00 4.41
CA ILE A 308 -3.54 8.25 4.49
C ILE A 308 -4.35 7.05 3.95
N VAL A 309 -3.97 6.52 2.79
CA VAL A 309 -4.66 5.36 2.23
C VAL A 309 -4.54 4.13 3.15
N ARG A 310 -3.34 3.84 3.63
CA ARG A 310 -3.19 2.59 4.39
C ARG A 310 -3.87 2.64 5.78
N LEU A 311 -4.03 3.86 6.32
CA LEU A 311 -4.66 4.01 7.62
C LEU A 311 -6.18 3.91 7.48
N GLY A 312 -6.67 3.93 6.25
CA GLY A 312 -8.10 3.77 6.03
C GLY A 312 -8.90 5.07 6.06
N ILE A 313 -8.20 6.20 6.07
CA ILE A 313 -8.88 7.47 6.26
C ILE A 313 -8.97 8.31 5.01
N TYR A 314 -8.74 7.69 3.85
CA TYR A 314 -8.58 8.42 2.58
C TYR A 314 -9.87 9.14 2.17
N ARG A 315 -11.02 8.64 2.59
CA ARG A 315 -12.29 9.20 2.12
C ARG A 315 -12.53 10.61 2.64
N HIS A 316 -11.81 11.01 3.68
CA HIS A 316 -11.96 12.35 4.23
C HIS A 316 -11.12 13.39 3.47
N PHE A 317 -10.21 12.90 2.62
CA PHE A 317 -9.18 13.74 2.02
C PHE A 317 -9.10 13.62 0.50
N GLU A 318 -10.23 13.43 -0.15
CA GLU A 318 -10.24 13.30 -1.60
C GLU A 318 -9.61 14.51 -2.29
N LYS A 319 -9.90 15.71 -1.78
CA LYS A 319 -9.43 16.91 -2.45
C LYS A 319 -7.90 17.02 -2.34
N GLU A 320 -7.37 16.70 -1.16
CA GLU A 320 -5.94 16.80 -0.91
C GLU A 320 -5.15 15.73 -1.67
N ILE A 321 -5.69 14.52 -1.75
CA ILE A 321 -5.05 13.42 -2.45
C ILE A 321 -4.97 13.70 -3.95
N LYS A 322 -6.06 14.20 -4.50
CA LYS A 322 -6.06 14.63 -5.88
C LYS A 322 -5.00 15.70 -6.10
N GLU A 323 -4.90 16.65 -5.17
CA GLU A 323 -3.99 17.77 -5.37
C GLU A 323 -2.56 17.25 -5.30
N ALA A 324 -2.33 16.31 -4.39
CA ALA A 324 -1.02 15.72 -4.22
C ALA A 324 -0.66 14.93 -5.47
N LEU A 325 -1.57 14.05 -5.93
CA LEU A 325 -1.23 13.20 -7.05
C LEU A 325 -1.18 13.97 -8.36
N ASP A 326 -2.03 14.98 -8.53
CA ASP A 326 -2.00 15.80 -9.73
C ASP A 326 -0.60 16.37 -9.95
N TYR A 327 0.04 16.72 -8.85
CA TYR A 327 1.34 17.39 -8.90
C TYR A 327 2.37 16.34 -9.27
N VAL A 328 2.30 15.17 -8.64
CA VAL A 328 3.18 14.07 -9.02
C VAL A 328 2.99 13.74 -10.49
N TYR A 329 1.74 13.61 -10.93
CA TYR A 329 1.48 13.30 -12.32
C TYR A 329 2.09 14.30 -13.29
N ARG A 330 2.06 15.59 -12.93
CA ARG A 330 2.63 16.63 -13.79
C ARG A 330 4.09 16.31 -14.08
N HIS A 331 4.78 15.80 -13.08
CA HIS A 331 6.22 15.52 -13.20
C HIS A 331 6.51 14.09 -13.58
N TRP A 332 5.45 13.30 -13.79
CA TRP A 332 5.60 11.92 -14.20
C TRP A 332 6.11 11.89 -15.63
N ASN A 333 7.21 11.20 -15.88
CA ASN A 333 7.73 11.12 -17.25
C ASN A 333 8.34 9.76 -17.58
N GLU A 334 8.62 9.54 -18.86
CA GLU A 334 9.05 8.22 -19.32
C GLU A 334 10.31 7.71 -18.63
N ARG A 335 11.08 8.62 -18.05
CA ARG A 335 12.36 8.23 -17.48
C ARG A 335 12.27 7.92 -16.00
N GLY A 336 11.07 7.99 -15.45
CA GLY A 336 10.88 7.77 -14.03
C GLY A 336 11.05 9.06 -13.23
N ILE A 337 10.93 8.95 -11.92
CA ILE A 337 11.02 10.14 -11.07
C ILE A 337 11.92 9.91 -9.86
N GLY A 338 12.54 10.98 -9.39
CA GLY A 338 13.32 10.90 -8.17
C GLY A 338 12.48 11.37 -7.01
N TRP A 339 13.09 11.43 -5.84
CA TRP A 339 12.40 11.89 -4.65
C TRP A 339 12.03 13.37 -4.80
N GLY A 340 12.80 14.10 -5.60
CA GLY A 340 12.48 15.47 -5.97
C GLY A 340 12.39 15.66 -7.48
N ARG A 341 11.65 16.68 -7.91
CA ARG A 341 11.29 16.85 -9.31
C ARG A 341 12.45 17.21 -10.24
N LEU A 342 13.56 17.68 -9.68
CA LEU A 342 14.71 18.04 -10.52
C LEU A 342 15.86 17.04 -10.41
N ASN A 343 15.61 15.86 -9.83
CA ASN A 343 16.66 14.85 -9.83
C ASN A 343 17.02 14.48 -11.26
N PRO A 344 18.31 14.41 -11.55
CA PRO A 344 18.67 14.08 -12.93
C PRO A 344 18.59 12.56 -13.20
N ILE A 345 18.31 11.76 -12.17
CA ILE A 345 18.08 10.32 -12.36
C ILE A 345 16.87 9.87 -11.56
N ALA A 346 16.18 8.86 -12.10
CA ALA A 346 14.98 8.35 -11.47
C ALA A 346 15.36 7.60 -10.19
N ASP A 347 14.39 7.49 -9.29
CA ASP A 347 14.55 6.73 -8.06
C ASP A 347 13.50 5.63 -8.03
N LEU A 348 13.94 4.39 -7.81
CA LEU A 348 13.02 3.26 -7.84
C LEU A 348 12.00 3.33 -6.71
N GLU A 349 12.46 3.68 -5.50
CA GLU A 349 11.52 3.81 -4.41
C GLU A 349 10.37 4.73 -4.78
N THR A 350 10.69 5.93 -5.27
CA THR A 350 9.68 6.93 -5.55
C THR A 350 8.89 6.58 -6.79
N THR A 351 9.59 6.06 -7.79
CA THR A 351 8.95 5.66 -9.04
C THR A 351 7.94 4.53 -8.85
N ALA A 352 8.32 3.48 -8.13
CA ALA A 352 7.42 2.35 -7.88
C ALA A 352 6.23 2.74 -7.00
N LEU A 353 6.47 3.61 -6.02
CA LEU A 353 5.41 4.14 -5.16
C LEU A 353 4.46 5.00 -5.97
N GLY A 354 5.01 5.91 -6.78
CA GLY A 354 4.20 6.75 -7.65
C GLY A 354 3.37 5.96 -8.66
N PHE A 355 3.97 4.95 -9.28
CA PHE A 355 3.23 4.12 -10.24
C PHE A 355 2.00 3.48 -9.57
N ARG A 356 2.20 2.90 -8.39
CA ARG A 356 1.13 2.23 -7.70
C ARG A 356 0.01 3.20 -7.28
N LEU A 357 0.36 4.29 -6.62
CA LEU A 357 -0.65 5.26 -6.16
C LEU A 357 -1.36 5.93 -7.31
N LEU A 358 -0.61 6.29 -8.35
CA LEU A 358 -1.23 6.90 -9.52
C LEU A 358 -2.22 5.94 -10.16
N ARG A 359 -1.79 4.71 -10.41
CA ARG A 359 -2.68 3.74 -11.06
C ARG A 359 -3.90 3.46 -10.18
N LEU A 360 -3.64 3.35 -8.88
CA LEU A 360 -4.69 3.09 -7.91
C LEU A 360 -5.73 4.22 -7.96
N HIS A 361 -5.32 5.42 -8.34
CA HIS A 361 -6.25 6.54 -8.31
C HIS A 361 -6.71 6.90 -9.71
N ARG A 362 -6.62 5.91 -10.60
CA ARG A 362 -7.16 5.98 -11.95
C ARG A 362 -6.43 6.97 -12.88
N TYR A 363 -5.17 7.25 -12.59
CA TYR A 363 -4.36 7.98 -13.56
C TYR A 363 -3.81 6.98 -14.56
N ASN A 364 -3.59 7.43 -15.79
CA ASN A 364 -3.02 6.56 -16.81
C ASN A 364 -1.50 6.56 -16.71
N VAL A 365 -0.95 5.44 -16.25
CA VAL A 365 0.49 5.26 -16.15
C VAL A 365 0.86 3.92 -16.79
N SER A 366 2.03 3.86 -17.43
CA SER A 366 2.49 2.64 -18.06
C SER A 366 3.63 2.03 -17.26
N PRO A 367 3.66 0.70 -17.15
CA PRO A 367 4.72 0.05 -16.37
C PRO A 367 6.02 -0.08 -17.17
N ALA A 368 6.00 0.33 -18.44
CA ALA A 368 7.24 0.46 -19.20
C ALA A 368 8.19 1.38 -18.45
N ILE A 369 7.66 2.20 -17.55
CA ILE A 369 8.47 3.10 -16.74
C ILE A 369 9.58 2.34 -16.01
N PHE A 370 9.35 1.06 -15.76
CA PHE A 370 10.31 0.25 -15.02
C PHE A 370 11.50 -0.23 -15.83
N ASP A 371 11.43 -0.03 -17.15
CA ASP A 371 12.59 -0.25 -18.04
C ASP A 371 13.78 0.57 -17.58
N ASN A 372 13.53 1.74 -17.01
CA ASN A 372 14.61 2.62 -16.58
C ASN A 372 15.51 2.03 -15.50
N PHE A 373 15.07 0.93 -14.90
CA PHE A 373 15.83 0.30 -13.82
C PHE A 373 16.34 -1.07 -14.23
N LYS A 374 16.47 -1.24 -15.53
CA LYS A 374 16.97 -2.48 -16.10
C LYS A 374 18.38 -2.31 -16.67
N ASP A 375 19.01 -3.44 -17.01
CA ASP A 375 20.33 -3.46 -17.63
C ASP A 375 20.28 -4.03 -19.04
N ALA A 376 20.96 -5.17 -19.24
CA ALA A 376 21.05 -5.88 -20.52
C ALA A 376 20.51 -5.08 -21.71
N LYS A 379 17.36 -7.13 -17.61
CA LYS A 379 16.89 -7.44 -16.26
C LYS A 379 17.22 -6.36 -15.20
N PHE A 380 16.56 -6.44 -14.05
CA PHE A 380 16.64 -5.42 -13.01
C PHE A 380 17.99 -5.39 -12.29
N ILE A 381 18.28 -4.25 -11.65
CA ILE A 381 19.52 -4.06 -10.88
C ILE A 381 19.28 -3.92 -9.37
N CYS A 382 19.06 -2.69 -8.93
CA CYS A 382 18.93 -2.36 -7.50
C CYS A 382 20.10 -2.92 -6.68
N SER A 383 19.83 -3.17 -5.40
CA SER A 383 20.81 -3.78 -4.50
C SER A 383 22.19 -3.12 -4.56
N THR A 384 22.20 -1.80 -4.69
CA THR A 384 23.45 -1.07 -4.82
C THR A 384 23.71 -0.07 -3.69
N GLY A 385 22.70 0.75 -3.38
CA GLY A 385 22.84 1.83 -2.40
C GLY A 385 22.79 1.37 -0.96
N GLN A 386 22.22 2.20 -0.07
CA GLN A 386 22.15 1.79 1.32
C GLN A 386 20.95 0.91 1.57
N PHE A 387 21.11 0.01 2.53
CA PHE A 387 20.22 -1.13 2.69
C PHE A 387 18.73 -0.77 2.78
N ASN A 388 18.38 0.12 3.71
CA ASN A 388 16.98 0.46 3.91
C ASN A 388 16.33 1.02 2.67
N LYS A 389 17.09 1.81 1.92
CA LYS A 389 16.58 2.36 0.69
C LYS A 389 16.34 1.23 -0.32
N ASP A 390 17.28 0.29 -0.41
CA ASP A 390 17.13 -0.82 -1.35
C ASP A 390 15.91 -1.66 -1.03
N VAL A 391 15.74 -2.00 0.24
CA VAL A 391 14.57 -2.76 0.70
C VAL A 391 13.26 -2.00 0.42
N ALA A 392 13.27 -0.70 0.69
CA ALA A 392 12.07 0.09 0.51
C ALA A 392 11.70 0.07 -0.97
N SER A 393 12.71 0.22 -1.83
CA SER A 393 12.52 0.19 -3.30
C SER A 393 11.89 -1.10 -3.80
N MET A 394 12.36 -2.22 -3.27
CA MET A 394 11.85 -3.51 -3.68
C MET A 394 10.49 -3.80 -3.09
N LEU A 395 10.27 -3.38 -1.85
CA LEU A 395 8.93 -3.49 -1.29
C LEU A 395 7.94 -2.74 -2.17
N ASN A 396 8.29 -1.53 -2.58
CA ASN A 396 7.37 -0.76 -3.41
C ASN A 396 7.21 -1.36 -4.81
N LEU A 397 8.27 -1.98 -5.32
CA LEU A 397 8.20 -2.63 -6.62
C LEU A 397 7.26 -3.84 -6.50
N TYR A 398 7.45 -4.63 -5.45
CA TYR A 398 6.60 -5.78 -5.18
C TYR A 398 5.13 -5.37 -5.12
N ARG A 399 4.82 -4.29 -4.42
CA ARG A 399 3.44 -3.84 -4.29
C ARG A 399 2.92 -3.28 -5.62
N ALA A 400 3.75 -2.51 -6.32
CA ALA A 400 3.35 -1.97 -7.61
C ALA A 400 3.04 -3.07 -8.62
N SER A 401 3.82 -4.14 -8.57
CA SER A 401 3.68 -5.22 -9.54
C SER A 401 2.32 -5.90 -9.45
N GLN A 402 1.67 -5.82 -8.30
CA GLN A 402 0.42 -6.54 -8.11
C GLN A 402 -0.75 -5.85 -8.82
N LEU A 403 -0.53 -4.63 -9.29
CA LEU A 403 -1.57 -3.85 -9.96
C LEU A 403 -1.52 -4.03 -11.49
N ALA A 404 -1.13 -5.22 -11.94
CA ALA A 404 -0.91 -5.45 -13.36
C ALA A 404 -2.21 -5.58 -14.13
N PHE A 405 -2.23 -5.02 -15.33
CA PHE A 405 -3.33 -5.24 -16.28
C PHE A 405 -2.93 -6.37 -17.25
N PRO A 406 -3.89 -6.90 -18.02
CA PRO A 406 -3.56 -7.94 -19.00
C PRO A 406 -2.44 -7.56 -19.96
N GLY A 407 -1.51 -8.48 -20.24
CA GLY A 407 -0.42 -8.25 -21.16
C GLY A 407 0.71 -7.37 -20.64
N GLU A 408 0.73 -7.11 -19.34
CA GLU A 408 1.83 -6.34 -18.75
C GLU A 408 2.91 -7.27 -18.16
N ASN A 409 3.58 -8.00 -19.06
CA ASN A 409 4.65 -8.94 -18.71
C ASN A 409 5.75 -8.37 -17.83
N ILE A 410 6.13 -7.12 -18.09
CA ILE A 410 7.18 -6.50 -17.28
C ILE A 410 6.85 -6.50 -15.79
N LEU A 411 5.56 -6.52 -15.45
CA LEU A 411 5.15 -6.49 -14.05
C LEU A 411 5.21 -7.88 -13.40
N ASP A 412 4.83 -8.91 -14.17
CA ASP A 412 5.04 -10.28 -13.76
C ASP A 412 6.52 -10.53 -13.47
N GLU A 413 7.36 -9.91 -14.28
CA GLU A 413 8.80 -10.07 -14.15
C GLU A 413 9.31 -9.27 -12.95
N ALA A 414 8.74 -8.09 -12.73
CA ALA A 414 9.10 -7.28 -11.58
C ALA A 414 8.72 -7.99 -10.28
N LYS A 415 7.53 -8.58 -10.25
CA LYS A 415 7.08 -9.32 -9.06
C LYS A 415 8.09 -10.41 -8.72
N SER A 416 8.40 -11.22 -9.72
CA SER A 416 9.36 -12.30 -9.59
C SER A 416 10.66 -11.84 -8.94
N PHE A 417 11.26 -10.80 -9.51
CA PHE A 417 12.51 -10.28 -9.02
C PHE A 417 12.42 -9.73 -7.60
N ALA A 418 11.43 -8.87 -7.34
CA ALA A 418 11.26 -8.28 -6.03
C ALA A 418 11.05 -9.35 -4.96
N THR A 419 10.25 -10.36 -5.26
CA THR A 419 10.05 -11.48 -4.34
C THR A 419 11.35 -12.17 -3.95
N LYS A 420 12.11 -12.59 -4.97
CA LYS A 420 13.42 -13.18 -4.76
C LYS A 420 14.33 -12.25 -3.95
N TYR A 421 14.39 -11.00 -4.37
CA TYR A 421 15.18 -10.03 -3.62
C TYR A 421 14.78 -10.00 -2.15
N LEU A 422 13.48 -9.89 -1.89
CA LEU A 422 13.01 -9.75 -0.51
C LEU A 422 13.17 -11.05 0.28
N ARG A 423 12.93 -12.19 -0.36
CA ARG A 423 13.15 -13.47 0.30
C ARG A 423 14.60 -13.53 0.77
N GLU A 424 15.50 -12.99 -0.04
CA GLU A 424 16.92 -13.02 0.26
C GLU A 424 17.28 -12.00 1.33
N ALA A 425 16.63 -10.83 1.27
CA ALA A 425 16.86 -9.80 2.27
C ALA A 425 16.67 -10.34 3.69
N LEU A 426 15.69 -11.20 3.88
CA LEU A 426 15.44 -11.77 5.21
C LEU A 426 16.61 -12.62 5.69
N GLU A 427 17.41 -13.13 4.77
CA GLU A 427 18.51 -14.00 5.12
C GLU A 427 19.78 -13.21 5.46
N LYS A 428 19.72 -11.90 5.26
CA LYS A 428 20.89 -11.04 5.48
C LYS A 428 20.99 -10.57 6.92
N SER A 429 22.21 -10.38 7.39
CA SER A 429 22.46 -9.96 8.77
C SER A 429 22.00 -8.52 9.02
N GLU A 430 22.15 -7.64 8.01
CA GLU A 430 21.73 -6.25 8.15
C GLU A 430 20.29 -6.13 8.62
N THR A 431 19.43 -7.03 8.13
CA THR A 431 18.00 -6.98 8.40
C THR A 431 17.72 -7.09 9.90
N SER A 432 18.66 -7.68 10.62
CA SER A 432 18.54 -7.88 12.06
C SER A 432 19.41 -6.92 12.87
N SER A 433 19.89 -5.85 12.24
CA SER A 433 20.65 -4.86 12.98
C SER A 433 19.74 -4.34 14.10
N ALA A 434 20.33 -3.69 15.11
CA ALA A 434 19.56 -3.13 16.23
C ALA A 434 18.51 -2.16 15.73
N TRP A 435 18.91 -1.33 14.76
CA TRP A 435 18.02 -0.36 14.17
C TRP A 435 16.83 -1.00 13.46
N ASN A 436 17.08 -2.00 12.62
CA ASN A 436 15.98 -2.55 11.84
C ASN A 436 15.07 -3.39 12.73
N ASN A 437 15.62 -3.92 13.80
CA ASN A 437 14.83 -4.67 14.77
C ASN A 437 13.91 -3.72 15.53
N LYS A 438 14.42 -2.53 15.80
CA LYS A 438 13.62 -1.56 16.52
C LYS A 438 12.43 -1.16 15.69
N GLN A 439 12.57 -1.24 14.38
CA GLN A 439 11.47 -0.87 13.50
C GLN A 439 10.73 -2.10 12.95
N ASN A 440 11.15 -3.29 13.36
CA ASN A 440 10.54 -4.52 12.90
C ASN A 440 10.57 -4.70 11.37
N LEU A 441 11.76 -4.51 10.80
CA LEU A 441 11.92 -4.65 9.36
C LEU A 441 11.55 -6.05 8.87
N SER A 442 12.14 -7.08 9.47
CA SER A 442 11.87 -8.46 9.05
C SER A 442 10.39 -8.79 9.10
N GLN A 443 9.71 -8.34 10.15
CA GLN A 443 8.26 -8.52 10.24
C GLN A 443 7.56 -7.86 9.06
N GLU A 444 7.90 -6.61 8.79
CA GLU A 444 7.29 -5.86 7.70
C GLU A 444 7.45 -6.62 6.38
N ILE A 445 8.69 -7.04 6.10
CA ILE A 445 8.98 -7.81 4.90
C ILE A 445 8.20 -9.13 4.84
N LYS A 446 8.19 -9.87 5.94
CA LYS A 446 7.45 -11.13 5.94
C LYS A 446 5.98 -10.88 5.68
N TYR A 447 5.45 -9.81 6.26
CA TYR A 447 4.04 -9.53 6.12
C TYR A 447 3.72 -9.18 4.69
N ALA A 448 4.62 -8.41 4.07
CA ALA A 448 4.46 -8.01 2.68
C ALA A 448 4.41 -9.23 1.76
N LEU A 449 5.31 -10.20 1.97
CA LEU A 449 5.40 -11.37 1.10
C LEU A 449 4.22 -12.30 1.26
N LYS A 450 3.63 -12.34 2.45
CA LYS A 450 2.51 -13.26 2.63
C LYS A 450 1.19 -12.57 2.26
N THR A 451 1.25 -11.30 1.91
CA THR A 451 0.05 -10.52 1.66
C THR A 451 -0.18 -10.21 0.18
N SER A 452 -1.30 -10.67 -0.34
CA SER A 452 -1.67 -10.39 -1.72
C SER A 452 -2.63 -9.21 -1.73
N TRP A 453 -2.35 -8.21 -2.56
CA TRP A 453 -3.23 -7.07 -2.66
C TRP A 453 -4.65 -7.48 -3.08
N HIS A 454 -4.77 -8.47 -3.94
CA HIS A 454 -6.07 -8.98 -4.34
C HIS A 454 -6.78 -9.74 -3.22
N ALA A 455 -6.03 -10.58 -2.50
CA ALA A 455 -6.56 -11.36 -1.40
C ALA A 455 -6.39 -10.62 -0.07
N SER A 456 -7.03 -9.47 0.06
CA SER A 456 -6.94 -8.65 1.27
C SER A 456 -8.31 -8.17 1.73
N VAL A 457 -8.50 -8.09 3.05
CA VAL A 457 -9.71 -7.51 3.65
C VAL A 457 -9.41 -6.06 4.02
N PRO A 458 -9.91 -5.11 3.22
CA PRO A 458 -9.57 -3.68 3.38
C PRO A 458 -9.76 -3.13 4.80
N ARG A 459 -10.87 -3.46 5.48
CA ARG A 459 -11.06 -2.93 6.82
C ARG A 459 -10.03 -3.50 7.77
N VAL A 460 -9.73 -4.78 7.60
CA VAL A 460 -8.72 -5.46 8.42
C VAL A 460 -7.31 -4.92 8.19
N GLU A 461 -6.99 -4.57 6.94
CA GLU A 461 -5.66 -4.05 6.60
C GLU A 461 -5.47 -2.68 7.23
N ALA A 462 -6.52 -1.86 7.22
CA ALA A 462 -6.43 -0.55 7.83
C ALA A 462 -6.24 -0.70 9.34
N LYS A 463 -7.04 -1.57 9.95
CA LYS A 463 -6.92 -1.83 11.38
C LYS A 463 -5.51 -2.28 11.74
N ARG A 464 -4.94 -3.20 10.97
CA ARG A 464 -3.58 -3.63 11.23
C ARG A 464 -2.59 -2.47 11.08
N TYR A 465 -2.79 -1.64 10.07
CA TYR A 465 -1.82 -0.60 9.82
C TYR A 465 -1.87 0.43 10.93
N CYS A 466 -3.06 0.67 11.47
CA CYS A 466 -3.18 1.54 12.63
C CYS A 466 -2.34 1.03 13.79
N GLN A 467 -2.06 -0.26 13.78
CA GLN A 467 -1.26 -0.84 14.86
C GLN A 467 0.23 -0.85 14.59
N VAL A 468 0.62 -0.52 13.37
CA VAL A 468 2.03 -0.53 12.99
C VAL A 468 2.54 0.88 12.70
N TYR A 469 1.68 1.74 12.16
CA TYR A 469 2.07 3.11 11.86
C TYR A 469 2.73 3.81 13.05
N ARG A 470 3.87 4.46 12.81
CA ARG A 470 4.60 5.16 13.87
C ARG A 470 4.63 6.67 13.66
N PRO A 471 4.06 7.44 14.61
CA PRO A 471 4.09 8.89 14.49
C PRO A 471 5.52 9.44 14.50
N ASP A 472 6.46 8.71 15.08
CA ASP A 472 7.82 9.24 15.20
C ASP A 472 8.82 8.42 14.39
N TYR A 473 8.34 7.83 13.29
CA TYR A 473 9.16 7.00 12.41
C TYR A 473 10.39 7.76 11.89
N ALA A 474 11.55 7.15 12.00
CA ALA A 474 12.79 7.78 11.51
C ALA A 474 13.34 7.05 10.28
N ARG A 475 13.68 7.82 9.25
CA ARG A 475 14.22 7.30 8.01
C ARG A 475 15.73 7.49 7.93
N ILE A 476 16.37 6.78 7.02
CA ILE A 476 17.83 6.87 6.85
C ILE A 476 18.17 7.35 5.44
N ALA A 477 19.02 8.37 5.37
CA ALA A 477 19.73 8.71 4.14
C ALA A 477 21.15 9.11 4.57
N LYS A 478 21.70 10.21 4.08
CA LYS A 478 23.02 10.65 4.59
C LYS A 478 22.99 10.77 6.13
N CYS A 479 21.83 11.10 6.71
CA CYS A 479 21.70 11.04 8.15
C CYS A 479 20.32 10.51 8.48
N VAL A 480 20.04 10.28 9.77
CA VAL A 480 18.70 9.92 10.21
C VAL A 480 17.81 11.15 10.10
N TYR A 481 16.60 10.98 9.59
CA TYR A 481 15.70 12.11 9.39
C TYR A 481 14.23 11.71 9.54
N LYS A 482 13.37 12.70 9.74
CA LYS A 482 11.94 12.47 9.82
C LYS A 482 11.20 13.40 8.87
N LEU A 483 10.03 12.97 8.44
CA LEU A 483 9.12 13.81 7.67
C LEU A 483 7.82 13.97 8.45
N PRO A 484 7.68 15.10 9.18
CA PRO A 484 6.55 15.29 10.08
C PRO A 484 5.18 15.33 9.39
N TYR A 485 5.16 15.66 8.11
CA TYR A 485 3.90 15.61 7.37
C TYR A 485 3.46 14.18 7.07
N VAL A 486 4.37 13.21 7.16
CA VAL A 486 4.04 11.84 6.80
C VAL A 486 3.78 11.05 8.07
N ASN A 487 4.62 11.30 9.07
CA ASN A 487 4.58 10.60 10.32
C ASN A 487 4.30 11.56 11.47
N ASN A 488 3.07 11.51 12.00
CA ASN A 488 2.66 12.40 13.09
C ASN A 488 1.50 11.79 13.91
N GLU A 489 1.24 12.35 15.09
CA GLU A 489 0.23 11.85 16.00
C GLU A 489 -1.18 11.96 15.45
N LYS A 490 -1.48 13.04 14.73
CA LYS A 490 -2.83 13.28 14.21
C LYS A 490 -3.33 12.20 13.26
N PHE A 491 -2.47 11.75 12.34
CA PHE A 491 -2.86 10.68 11.42
C PHE A 491 -3.38 9.51 12.21
N LEU A 492 -2.59 9.05 13.17
CA LEU A 492 -2.91 7.84 13.91
C LEU A 492 -4.18 8.07 14.73
N GLU A 493 -4.26 9.22 15.37
CA GLU A 493 -5.40 9.54 16.22
C GLU A 493 -6.67 9.41 15.40
N LEU A 494 -6.70 10.01 14.22
CA LEU A 494 -7.86 9.91 13.36
C LEU A 494 -8.04 8.47 12.86
N GLY A 495 -6.93 7.80 12.57
CA GLY A 495 -6.99 6.45 12.07
C GLY A 495 -7.73 5.54 13.04
N LYS A 496 -7.34 5.60 14.30
CA LYS A 496 -7.97 4.76 15.31
C LYS A 496 -9.42 5.14 15.55
N LEU A 497 -9.68 6.43 15.64
CA LEU A 497 -11.03 6.89 15.98
C LEU A 497 -12.00 6.57 14.85
N ASP A 498 -11.58 6.85 13.62
CA ASP A 498 -12.43 6.63 12.45
C ASP A 498 -12.73 5.15 12.33
N PHE A 499 -11.74 4.31 12.61
CA PHE A 499 -11.97 2.88 12.51
C PHE A 499 -13.04 2.44 13.49
N ASN A 500 -12.92 2.92 14.72
CA ASN A 500 -13.84 2.54 15.80
C ASN A 500 -15.25 3.04 15.56
N ILE A 501 -15.38 4.25 15.04
CA ILE A 501 -16.68 4.80 14.72
C ILE A 501 -17.35 3.92 13.67
N ILE A 502 -16.63 3.65 12.58
CA ILE A 502 -17.18 2.83 11.50
C ILE A 502 -17.64 1.48 12.04
N GLN A 503 -16.80 0.87 12.86
CA GLN A 503 -17.06 -0.44 13.39
C GLN A 503 -18.30 -0.48 14.28
N SER A 504 -18.48 0.55 15.10
CA SER A 504 -19.61 0.62 16.01
C SER A 504 -20.89 0.81 15.21
N ILE A 505 -20.81 1.55 14.11
CA ILE A 505 -21.95 1.72 13.24
C ILE A 505 -22.32 0.36 12.66
N HIS A 506 -21.32 -0.41 12.26
CA HIS A 506 -21.57 -1.76 11.74
C HIS A 506 -22.17 -2.64 12.82
N GLN A 507 -21.76 -2.47 14.07
CA GLN A 507 -22.30 -3.29 15.15
C GLN A 507 -23.79 -3.07 15.30
N GLU A 508 -24.23 -1.84 15.14
CA GLU A 508 -25.66 -1.56 15.17
C GLU A 508 -26.36 -2.23 14.01
N GLU A 509 -25.73 -2.21 12.84
CA GLU A 509 -26.32 -2.78 11.66
C GLU A 509 -26.47 -4.29 11.83
N MET A 510 -25.51 -4.89 12.53
CA MET A 510 -25.51 -6.34 12.71
C MET A 510 -26.66 -6.71 13.62
N LYS A 511 -27.03 -5.80 14.52
CA LYS A 511 -28.19 -6.04 15.37
C LYS A 511 -29.44 -6.12 14.50
N ASN A 512 -29.58 -5.21 13.54
CA ASN A 512 -30.73 -5.26 12.65
C ASN A 512 -30.69 -6.53 11.80
N VAL A 513 -29.51 -6.89 11.31
CA VAL A 513 -29.39 -8.07 10.48
C VAL A 513 -29.85 -9.34 11.19
N THR A 514 -29.40 -9.55 12.43
CA THR A 514 -29.75 -10.75 13.17
C THR A 514 -31.21 -10.75 13.61
N SER A 515 -31.75 -9.57 13.96
CA SER A 515 -33.17 -9.45 14.26
C SER A 515 -33.98 -9.76 13.03
N TRP A 516 -33.64 -9.18 11.90
CA TRP A 516 -34.36 -9.52 10.69
C TRP A 516 -34.30 -11.02 10.41
N PHE A 517 -33.10 -11.58 10.51
CA PHE A 517 -32.87 -12.97 10.17
C PHE A 517 -33.79 -13.91 10.94
N ARG A 518 -33.91 -13.66 12.24
CA ARG A 518 -34.64 -14.59 13.08
C ARG A 518 -36.16 -14.54 12.88
N ASP A 519 -36.66 -13.42 12.36
CA ASP A 519 -38.08 -13.29 12.06
C ASP A 519 -38.38 -13.56 10.58
N SER A 520 -37.36 -13.93 9.83
CA SER A 520 -37.46 -14.04 8.38
C SER A 520 -37.97 -15.38 7.92
N GLY A 521 -37.88 -16.39 8.78
CA GLY A 521 -38.27 -17.74 8.41
C GLY A 521 -37.11 -18.62 7.95
N LEU A 522 -36.00 -17.99 7.58
CA LEU A 522 -34.85 -18.72 7.05
C LEU A 522 -34.22 -19.73 8.03
N PRO A 523 -34.29 -19.45 9.33
CA PRO A 523 -33.73 -20.42 10.28
C PRO A 523 -34.51 -21.72 10.32
N LEU A 524 -35.69 -21.75 9.71
CA LEU A 524 -36.52 -22.95 9.72
C LEU A 524 -35.93 -24.03 8.80
N PHE A 525 -35.11 -23.60 7.84
CA PHE A 525 -34.51 -24.55 6.91
C PHE A 525 -33.27 -25.18 7.53
N THR A 526 -33.50 -26.17 8.37
CA THR A 526 -32.45 -26.72 9.22
C THR A 526 -31.41 -27.53 8.44
N PHE A 527 -31.69 -27.82 7.17
CA PHE A 527 -30.69 -28.46 6.33
C PHE A 527 -29.56 -27.50 5.92
N ALA A 528 -29.73 -26.21 6.22
CA ALA A 528 -28.70 -25.24 5.86
C ALA A 528 -28.17 -24.49 7.08
N ARG A 529 -26.87 -24.27 7.11
CA ARG A 529 -26.25 -23.53 8.20
C ARG A 529 -26.61 -22.03 8.17
N GLU A 530 -26.87 -21.48 9.35
CA GLU A 530 -27.17 -20.05 9.50
C GLU A 530 -25.88 -19.24 9.56
N ARG A 531 -25.67 -18.38 8.57
CA ARG A 531 -24.44 -17.58 8.51
C ARG A 531 -24.67 -16.09 8.24
N PRO A 532 -25.64 -15.48 8.93
CA PRO A 532 -25.93 -14.11 8.54
C PRO A 532 -24.72 -13.17 8.69
N LEU A 533 -23.98 -13.25 9.78
CA LEU A 533 -22.82 -12.39 9.98
C LEU A 533 -21.68 -12.66 8.98
N GLU A 534 -21.48 -13.92 8.61
CA GLU A 534 -20.46 -14.20 7.60
C GLU A 534 -20.76 -13.50 6.31
N PHE A 535 -22.04 -13.47 5.92
CA PHE A 535 -22.37 -12.73 4.70
C PHE A 535 -22.32 -11.22 4.93
N TYR A 536 -22.74 -10.75 6.10
CA TYR A 536 -22.61 -9.33 6.38
C TYR A 536 -21.13 -8.93 6.24
N PHE A 537 -20.25 -9.71 6.87
CA PHE A 537 -18.81 -9.46 6.80
C PHE A 537 -18.31 -9.32 5.37
N LEU A 538 -18.82 -10.17 4.49
CA LEU A 538 -18.34 -10.22 3.10
C LEU A 538 -18.50 -8.86 2.43
N VAL A 539 -19.60 -8.16 2.68
CA VAL A 539 -19.79 -6.86 2.03
C VAL A 539 -19.26 -5.73 2.90
N ALA A 540 -19.50 -5.81 4.21
CA ALA A 540 -19.15 -4.71 5.10
C ALA A 540 -17.63 -4.49 5.25
N ALA A 541 -16.86 -5.56 5.09
CA ALA A 541 -15.43 -5.46 5.33
C ALA A 541 -14.73 -4.72 4.19
N GLY A 542 -15.43 -4.55 3.07
CA GLY A 542 -14.92 -3.76 1.98
C GLY A 542 -15.73 -2.52 1.67
N THR A 543 -17.05 -2.65 1.66
CA THR A 543 -17.92 -1.49 1.47
C THR A 543 -18.47 -1.06 2.83
N TYR A 544 -17.66 -0.29 3.55
CA TYR A 544 -17.90 0.05 4.96
C TYR A 544 -18.53 1.43 5.21
N GLU A 545 -18.55 2.30 4.20
CA GLU A 545 -19.02 3.67 4.44
C GLU A 545 -20.43 3.74 5.02
N PRO A 546 -20.67 4.66 5.97
CA PRO A 546 -21.93 4.81 6.70
C PRO A 546 -23.16 5.01 5.81
N GLN A 547 -23.02 5.72 4.70
CA GLN A 547 -24.16 5.95 3.81
C GLN A 547 -24.67 4.69 3.06
N TYR A 548 -23.92 3.60 3.11
CA TYR A 548 -24.26 2.41 2.31
C TYR A 548 -24.88 1.32 3.17
N ALA A 549 -25.54 1.71 4.25
CA ALA A 549 -26.19 0.78 5.16
C ALA A 549 -27.16 -0.10 4.41
N LYS A 550 -27.97 0.50 3.56
CA LYS A 550 -29.01 -0.26 2.87
C LYS A 550 -28.41 -1.30 1.90
N CYS A 551 -27.38 -0.90 1.16
CA CYS A 551 -26.61 -1.82 0.30
C CYS A 551 -26.10 -3.04 1.06
N ARG A 552 -25.49 -2.82 2.23
CA ARG A 552 -25.01 -3.94 3.05
C ARG A 552 -26.15 -4.84 3.51
N PHE A 553 -27.28 -4.24 3.88
CA PHE A 553 -28.40 -4.97 4.48
C PHE A 553 -29.05 -5.88 3.44
N LEU A 554 -29.37 -5.34 2.28
CA LEU A 554 -29.99 -6.09 1.21
C LEU A 554 -29.06 -7.17 0.64
N PHE A 555 -27.78 -6.83 0.52
CA PHE A 555 -26.78 -7.82 0.12
C PHE A 555 -26.83 -8.99 1.09
N THR A 556 -26.86 -8.69 2.38
CA THR A 556 -26.90 -9.74 3.38
C THR A 556 -28.18 -10.60 3.32
N LYS A 557 -29.32 -9.99 3.01
CA LYS A 557 -30.56 -10.78 2.95
C LYS A 557 -30.45 -11.75 1.80
N VAL A 558 -29.97 -11.26 0.66
CA VAL A 558 -29.93 -12.06 -0.54
C VAL A 558 -28.93 -13.19 -0.36
N ALA A 559 -27.81 -12.94 0.29
CA ALA A 559 -26.83 -14.01 0.49
C ALA A 559 -27.35 -15.06 1.47
N CYS A 560 -28.19 -14.66 2.42
CA CYS A 560 -28.79 -15.61 3.36
C CYS A 560 -29.78 -16.50 2.65
N LEU A 561 -30.60 -15.90 1.80
CA LEU A 561 -31.54 -16.65 0.98
C LEU A 561 -30.79 -17.66 0.13
N GLN A 562 -29.73 -17.20 -0.53
CA GLN A 562 -28.97 -18.04 -1.44
C GLN A 562 -28.34 -19.29 -0.81
N THR A 563 -27.83 -19.17 0.41
CA THR A 563 -27.21 -20.31 1.04
C THR A 563 -28.25 -21.41 1.27
N VAL A 564 -29.50 -21.01 1.48
CA VAL A 564 -30.58 -21.99 1.63
C VAL A 564 -30.95 -22.57 0.27
N LEU A 565 -31.01 -21.72 -0.75
CA LEU A 565 -31.30 -22.18 -2.10
C LEU A 565 -30.22 -23.15 -2.58
N ASP A 566 -28.96 -22.85 -2.26
CA ASP A 566 -27.85 -23.69 -2.67
C ASP A 566 -27.98 -25.10 -2.09
N ASP A 567 -28.13 -25.18 -0.76
CA ASP A 567 -28.22 -26.46 -0.08
C ASP A 567 -29.44 -27.23 -0.56
N MET A 568 -30.47 -26.50 -0.96
CA MET A 568 -31.69 -27.12 -1.47
C MET A 568 -31.45 -27.73 -2.84
N TYR A 569 -30.76 -27.01 -3.71
CA TYR A 569 -30.55 -27.52 -5.05
C TYR A 569 -29.54 -28.66 -5.14
N ASP A 570 -28.49 -28.65 -4.32
CA ASP A 570 -27.48 -29.70 -4.48
C ASP A 570 -27.46 -30.81 -3.42
N THR A 571 -28.15 -30.62 -2.31
CA THR A 571 -28.14 -31.61 -1.22
C THR A 571 -29.54 -32.08 -0.86
N TYR A 572 -30.26 -31.25 -0.09
CA TYR A 572 -31.64 -31.53 0.27
C TYR A 572 -32.44 -31.45 -1.02
N GLY A 573 -33.59 -32.08 -1.09
CA GLY A 573 -34.44 -31.87 -2.24
C GLY A 573 -34.16 -32.75 -3.44
N THR A 574 -35.20 -33.44 -3.91
CA THR A 574 -35.06 -34.35 -5.02
C THR A 574 -35.18 -33.62 -6.34
N LEU A 575 -34.80 -34.29 -7.42
CA LEU A 575 -34.88 -33.68 -8.73
C LEU A 575 -36.32 -33.32 -9.07
N ASP A 576 -37.25 -34.23 -8.78
CA ASP A 576 -38.67 -33.94 -9.02
C ASP A 576 -39.18 -32.72 -8.23
N GLU A 577 -38.82 -32.62 -6.95
CA GLU A 577 -39.14 -31.39 -6.19
C GLU A 577 -38.54 -30.16 -6.87
N LEU A 578 -37.24 -30.24 -7.17
CA LEU A 578 -36.53 -29.10 -7.77
C LEU A 578 -37.13 -28.71 -9.11
N LYS A 579 -37.68 -29.66 -9.84
CA LYS A 579 -38.30 -29.34 -11.11
C LYS A 579 -39.54 -28.49 -10.87
N LEU A 580 -40.32 -28.87 -9.84
CA LEU A 580 -41.46 -28.08 -9.42
C LEU A 580 -41.03 -26.70 -8.97
N PHE A 581 -39.99 -26.63 -8.14
CA PHE A 581 -39.60 -25.33 -7.64
C PHE A 581 -39.17 -24.44 -8.78
N THR A 582 -38.41 -25.02 -9.71
CA THR A 582 -37.87 -24.27 -10.82
C THR A 582 -38.97 -23.74 -11.73
N GLU A 583 -40.06 -24.51 -11.85
CA GLU A 583 -41.19 -24.07 -12.65
C GLU A 583 -41.88 -22.88 -11.99
N ALA A 584 -42.01 -22.91 -10.67
CA ALA A 584 -42.60 -21.79 -9.95
C ALA A 584 -41.70 -20.56 -10.13
N VAL A 585 -40.40 -20.78 -10.29
CA VAL A 585 -39.50 -19.65 -10.45
C VAL A 585 -39.80 -18.93 -11.75
N ARG A 586 -40.07 -19.71 -12.81
CA ARG A 586 -40.52 -19.15 -14.08
C ARG A 586 -41.86 -18.45 -13.93
N ARG A 587 -42.73 -19.02 -13.08
CA ARG A 587 -44.08 -18.50 -12.86
C ARG A 587 -44.14 -17.67 -11.59
N TRP A 588 -43.85 -16.39 -11.72
CA TRP A 588 -43.85 -15.49 -10.58
C TRP A 588 -45.23 -15.34 -9.96
N ASP A 589 -45.77 -16.46 -9.52
CA ASP A 589 -47.16 -16.53 -9.04
C ASP A 589 -47.18 -17.22 -7.67
N LEU A 590 -47.46 -16.42 -6.63
CA LEU A 590 -47.54 -16.97 -5.29
C LEU A 590 -48.61 -18.06 -5.20
N SER A 591 -49.69 -17.90 -5.94
CA SER A 591 -50.79 -18.84 -5.89
C SER A 591 -50.40 -20.20 -6.44
N PHE A 592 -49.32 -20.24 -7.22
CA PHE A 592 -48.89 -21.48 -7.85
C PHE A 592 -48.19 -22.42 -6.86
N THR A 593 -47.74 -21.89 -5.72
CA THR A 593 -47.00 -22.72 -4.79
C THR A 593 -47.82 -23.86 -4.18
N GLU A 594 -49.13 -23.85 -4.40
CA GLU A 594 -49.99 -24.91 -3.88
C GLU A 594 -49.47 -26.31 -4.26
N ASN A 595 -48.77 -26.39 -5.39
CA ASN A 595 -48.29 -27.68 -5.90
C ASN A 595 -47.00 -28.14 -5.24
N LEU A 596 -46.35 -27.21 -4.53
CA LEU A 596 -45.03 -27.47 -3.95
C LEU A 596 -45.12 -28.14 -2.59
N PRO A 597 -44.10 -28.94 -2.25
CA PRO A 597 -43.96 -29.50 -0.90
C PRO A 597 -43.96 -28.36 0.12
N ASP A 598 -44.33 -28.64 1.35
CA ASP A 598 -44.49 -27.58 2.34
C ASP A 598 -43.23 -26.74 2.49
N TYR A 599 -42.09 -27.40 2.65
CA TYR A 599 -40.87 -26.66 2.89
C TYR A 599 -40.54 -25.74 1.72
N MET A 600 -40.98 -26.11 0.53
CA MET A 600 -40.76 -25.28 -0.64
C MET A 600 -41.77 -24.15 -0.77
N LYS A 601 -42.99 -24.35 -0.26
CA LYS A 601 -44.00 -23.29 -0.31
C LYS A 601 -43.50 -22.11 0.49
N LEU A 602 -42.90 -22.42 1.62
CA LEU A 602 -42.31 -21.41 2.47
C LEU A 602 -41.07 -20.80 1.81
N CYS A 603 -40.24 -21.65 1.22
CA CYS A 603 -39.02 -21.13 0.62
C CYS A 603 -39.40 -20.16 -0.48
N TYR A 604 -40.38 -20.53 -1.30
CA TYR A 604 -40.77 -19.65 -2.40
C TYR A 604 -41.27 -18.30 -1.88
N GLN A 605 -42.06 -18.36 -0.82
CA GLN A 605 -42.64 -17.13 -0.29
C GLN A 605 -41.57 -16.16 0.25
N ILE A 606 -40.55 -16.69 0.91
CA ILE A 606 -39.49 -15.87 1.45
C ILE A 606 -38.65 -15.29 0.30
N TYR A 607 -38.34 -16.16 -0.66
CA TYR A 607 -37.63 -15.78 -1.87
C TYR A 607 -38.37 -14.68 -2.60
N TYR A 608 -39.67 -14.85 -2.78
CA TYR A 608 -40.46 -13.88 -3.50
C TYR A 608 -40.43 -12.51 -2.80
N ASP A 609 -40.60 -12.52 -1.48
CA ASP A 609 -40.52 -11.30 -0.69
C ASP A 609 -39.17 -10.60 -0.83
N ILE A 610 -38.09 -11.33 -0.58
CA ILE A 610 -36.76 -10.74 -0.71
C ILE A 610 -36.49 -10.13 -2.09
N VAL A 611 -36.79 -10.87 -3.15
CA VAL A 611 -36.60 -10.35 -4.52
C VAL A 611 -37.27 -8.98 -4.72
N HIS A 612 -38.52 -8.86 -4.27
CA HIS A 612 -39.30 -7.67 -4.55
C HIS A 612 -39.03 -6.52 -3.60
N GLU A 613 -38.53 -6.85 -2.42
CA GLU A 613 -38.04 -5.82 -1.52
C GLU A 613 -36.76 -5.20 -2.09
N VAL A 614 -35.87 -6.04 -2.59
CA VAL A 614 -34.62 -5.56 -3.17
C VAL A 614 -35.00 -4.69 -4.36
N ALA A 615 -35.91 -5.21 -5.17
CA ALA A 615 -36.32 -4.53 -6.39
C ALA A 615 -36.96 -3.17 -6.08
N TRP A 616 -37.87 -3.15 -5.12
CA TRP A 616 -38.46 -1.88 -4.70
C TRP A 616 -37.41 -0.84 -4.27
N GLU A 617 -36.50 -1.22 -3.37
CA GLU A 617 -35.38 -0.36 -3.00
C GLU A 617 -34.58 0.12 -4.20
N ALA A 618 -34.31 -0.78 -5.13
CA ALA A 618 -33.49 -0.42 -6.28
C ALA A 618 -34.24 0.58 -7.16
N GLU A 619 -35.54 0.37 -7.36
CA GLU A 619 -36.33 1.31 -8.14
C GLU A 619 -36.37 2.66 -7.43
N LYS A 620 -36.36 2.63 -6.11
CA LYS A 620 -36.43 3.85 -5.33
C LYS A 620 -35.14 4.61 -5.56
N GLU A 621 -34.02 3.90 -5.45
CA GLU A 621 -32.74 4.56 -5.59
C GLU A 621 -32.48 5.00 -7.02
N GLN A 622 -32.93 4.21 -8.00
CA GLN A 622 -32.54 4.45 -9.39
C GLN A 622 -33.52 5.29 -10.24
N GLY A 623 -34.77 5.38 -9.82
CA GLY A 623 -35.79 6.07 -10.60
C GLY A 623 -36.24 5.39 -11.89
N ARG A 624 -35.85 4.14 -12.07
CA ARG A 624 -36.18 3.37 -13.28
C ARG A 624 -36.89 2.10 -12.87
N GLU A 625 -37.67 1.50 -13.79
CA GLU A 625 -38.23 0.16 -13.57
C GLU A 625 -37.12 -0.90 -13.53
N LEU A 626 -37.15 -1.79 -12.54
CA LEU A 626 -36.08 -2.79 -12.39
C LEU A 626 -36.57 -4.17 -11.94
N VAL A 627 -37.87 -4.31 -11.69
CA VAL A 627 -38.40 -5.60 -11.28
C VAL A 627 -38.17 -6.65 -12.37
N SER A 628 -38.41 -6.27 -13.62
CA SER A 628 -38.22 -7.20 -14.73
C SER A 628 -36.77 -7.67 -14.80
N PHE A 629 -35.85 -6.71 -14.72
CA PHE A 629 -34.43 -6.98 -14.75
C PHE A 629 -33.99 -7.93 -13.62
N PHE A 630 -34.49 -7.73 -12.42
CA PHE A 630 -34.17 -8.60 -11.29
C PHE A 630 -34.75 -10.02 -11.44
N ARG A 631 -36.00 -10.09 -11.88
CA ARG A 631 -36.62 -11.37 -12.11
C ARG A 631 -35.79 -12.15 -13.13
N LYS A 632 -35.32 -11.47 -14.17
CA LYS A 632 -34.51 -12.12 -15.21
C LYS A 632 -33.23 -12.69 -14.62
N GLY A 633 -32.59 -11.92 -13.76
CA GLY A 633 -31.40 -12.38 -13.06
C GLY A 633 -31.63 -13.58 -12.16
N TRP A 634 -32.72 -13.58 -11.39
CA TRP A 634 -33.00 -14.68 -10.49
C TRP A 634 -33.34 -15.95 -11.25
N GLU A 635 -34.06 -15.82 -12.36
CA GLU A 635 -34.38 -17.02 -13.11
C GLU A 635 -33.15 -17.62 -13.81
N ASP A 636 -32.27 -16.80 -14.36
CA ASP A 636 -31.03 -17.32 -14.93
C ASP A 636 -30.27 -18.10 -13.88
N TYR A 637 -30.10 -17.49 -12.70
CA TYR A 637 -29.44 -18.13 -11.58
C TYR A 637 -30.05 -19.50 -11.27
N LEU A 638 -31.34 -19.52 -10.96
CA LEU A 638 -32.00 -20.74 -10.52
C LEU A 638 -32.24 -21.78 -11.62
N LEU A 639 -32.35 -21.33 -12.87
CA LEU A 639 -32.43 -22.26 -14.00
C LEU A 639 -31.05 -22.88 -14.23
N GLY A 640 -30.00 -22.09 -14.01
CA GLY A 640 -28.64 -22.60 -14.11
C GLY A 640 -28.40 -23.67 -13.07
N TYR A 641 -28.98 -23.45 -11.89
CA TYR A 641 -28.87 -24.39 -10.78
C TYR A 641 -29.63 -25.69 -11.06
N TYR A 642 -30.86 -25.57 -11.54
CA TYR A 642 -31.62 -26.77 -11.94
C TYR A 642 -30.82 -27.61 -12.93
N GLU A 643 -30.14 -26.95 -13.87
CA GLU A 643 -29.33 -27.70 -14.84
C GLU A 643 -28.21 -28.48 -14.16
N GLU A 644 -27.54 -27.84 -13.20
CA GLU A 644 -26.53 -28.49 -12.37
C GLU A 644 -27.15 -29.67 -11.62
N ALA A 645 -28.38 -29.50 -11.15
CA ALA A 645 -29.07 -30.55 -10.42
C ALA A 645 -29.30 -31.73 -11.36
N GLU A 646 -29.76 -31.45 -12.58
CA GLU A 646 -29.96 -32.50 -13.59
C GLU A 646 -28.65 -33.25 -13.87
N TRP A 647 -27.57 -32.51 -14.01
CA TRP A 647 -26.28 -33.13 -14.25
C TRP A 647 -25.93 -34.11 -13.16
N LEU A 648 -26.17 -33.71 -11.91
CA LEU A 648 -25.87 -34.54 -10.76
C LEU A 648 -26.73 -35.80 -10.75
N ALA A 649 -28.03 -35.63 -10.92
CA ALA A 649 -28.96 -36.74 -10.91
C ALA A 649 -28.62 -37.78 -11.97
N ALA A 650 -27.82 -37.37 -12.96
CA ALA A 650 -27.50 -38.22 -14.10
C ALA A 650 -26.05 -38.65 -14.10
N GLU A 651 -25.31 -38.27 -13.07
CA GLU A 651 -23.88 -38.57 -13.00
C GLU A 651 -23.18 -38.13 -14.29
N TYR A 652 -23.62 -36.97 -14.79
CA TYR A 652 -23.04 -36.38 -15.98
C TYR A 652 -21.87 -35.49 -15.59
N VAL A 653 -20.77 -35.64 -16.30
CA VAL A 653 -19.64 -34.76 -16.12
C VAL A 653 -19.51 -33.91 -17.37
N PRO A 654 -19.71 -32.59 -17.22
CA PRO A 654 -19.67 -31.69 -18.37
C PRO A 654 -18.25 -31.48 -18.87
N THR A 655 -18.11 -30.98 -20.10
CA THR A 655 -16.83 -30.50 -20.57
C THR A 655 -16.47 -29.27 -19.73
N LEU A 656 -15.21 -28.88 -19.75
CA LEU A 656 -14.82 -27.69 -18.99
C LEU A 656 -15.57 -26.46 -19.48
N ASP A 657 -15.63 -26.26 -20.80
CA ASP A 657 -16.37 -25.14 -21.37
C ASP A 657 -17.82 -25.08 -20.87
N GLU A 658 -18.57 -26.18 -20.93
CA GLU A 658 -19.97 -26.11 -20.50
C GLU A 658 -20.09 -25.99 -18.98
N TYR A 659 -19.11 -26.52 -18.27
CA TYR A 659 -19.05 -26.34 -16.82
C TYR A 659 -18.86 -24.87 -16.47
N ILE A 660 -17.89 -24.22 -17.10
CA ILE A 660 -17.65 -22.79 -16.88
C ILE A 660 -18.90 -22.01 -17.25
N LYS A 661 -19.40 -22.27 -18.45
CA LYS A 661 -20.59 -21.59 -18.95
C LYS A 661 -21.67 -21.63 -17.88
N ASN A 662 -22.00 -22.85 -17.43
CA ASN A 662 -23.02 -23.04 -16.41
C ASN A 662 -22.67 -22.44 -15.06
N GLY A 663 -21.45 -22.72 -14.62
CA GLY A 663 -20.97 -22.30 -13.31
C GLY A 663 -21.00 -20.82 -13.00
N ILE A 664 -20.70 -19.97 -13.98
CA ILE A 664 -20.69 -18.52 -13.70
C ILE A 664 -22.08 -17.90 -13.56
N THR A 665 -23.11 -18.55 -14.09
CA THR A 665 -24.49 -18.09 -13.89
C THR A 665 -25.10 -18.81 -12.69
N SER A 666 -24.74 -20.09 -12.54
CA SER A 666 -25.20 -20.95 -11.46
C SER A 666 -24.64 -20.61 -10.08
N ILE A 667 -23.46 -19.99 -10.03
CA ILE A 667 -22.87 -19.64 -8.74
C ILE A 667 -23.63 -18.51 -8.05
N GLY A 668 -24.36 -17.73 -8.85
CA GLY A 668 -25.25 -16.70 -8.33
C GLY A 668 -24.61 -15.46 -7.71
N GLN A 669 -23.37 -15.20 -8.06
CA GLN A 669 -22.68 -14.02 -7.57
C GLN A 669 -23.27 -12.83 -8.27
N ARG A 670 -23.68 -13.01 -9.51
CA ARG A 670 -24.17 -11.87 -10.26
C ARG A 670 -25.42 -11.25 -9.62
N ILE A 671 -26.45 -12.06 -9.39
CA ILE A 671 -27.69 -11.53 -8.83
C ILE A 671 -27.49 -11.05 -7.39
N LEU A 672 -26.58 -11.71 -6.66
CA LEU A 672 -26.19 -11.23 -5.33
C LEU A 672 -25.53 -9.83 -5.37
N LEU A 673 -24.63 -9.64 -6.33
CA LEU A 673 -23.92 -8.37 -6.46
C LEU A 673 -24.84 -7.22 -6.91
N LEU A 674 -25.78 -7.52 -7.78
CA LEU A 674 -26.72 -6.50 -8.25
C LEU A 674 -27.64 -6.05 -7.12
N SER A 675 -27.88 -6.95 -6.17
CA SER A 675 -28.78 -6.70 -5.06
C SER A 675 -28.15 -5.74 -4.06
N GLY A 676 -26.87 -5.43 -4.25
CA GLY A 676 -26.22 -4.43 -3.43
C GLY A 676 -25.87 -3.22 -4.27
N VAL A 677 -25.38 -3.43 -5.47
CA VAL A 677 -24.75 -2.34 -6.23
C VAL A 677 -25.78 -1.33 -6.74
N LEU A 678 -27.01 -1.78 -6.90
CA LEU A 678 -28.07 -0.95 -7.44
C LEU A 678 -28.78 -0.16 -6.36
N ILE A 679 -28.37 -0.34 -5.10
CA ILE A 679 -28.96 0.41 -4.01
C ILE A 679 -27.91 1.10 -3.12
N MET A 680 -26.96 1.76 -3.76
CA MET A 680 -25.95 2.50 -3.04
C MET A 680 -26.39 3.95 -3.03
N ASP A 681 -26.58 4.48 -1.83
CA ASP A 681 -27.09 5.82 -1.61
C ASP A 681 -26.43 6.86 -2.52
N GLY A 682 -27.22 7.46 -3.41
CA GLY A 682 -26.72 8.50 -4.30
C GLY A 682 -25.91 8.03 -5.50
N GLN A 683 -25.83 6.71 -5.70
CA GLN A 683 -25.02 6.20 -6.82
C GLN A 683 -25.92 5.76 -7.98
N LEU A 684 -26.00 6.60 -9.00
CA LEU A 684 -26.98 6.40 -10.07
C LEU A 684 -26.41 5.58 -11.24
N LEU A 685 -27.12 4.50 -11.59
CA LEU A 685 -26.69 3.61 -12.67
C LEU A 685 -27.79 3.49 -13.71
N SER A 686 -27.57 4.09 -14.87
CA SER A 686 -28.49 3.92 -15.97
C SER A 686 -28.27 2.53 -16.53
N GLN A 687 -29.19 2.06 -17.38
CA GLN A 687 -29.04 0.77 -18.03
CA GLN A 687 -29.02 0.75 -17.99
C GLN A 687 -27.70 0.69 -18.72
N GLU A 688 -27.38 1.74 -19.47
CA GLU A 688 -26.13 1.80 -20.23
C GLU A 688 -24.90 1.69 -19.33
N ALA A 689 -24.93 2.42 -18.22
CA ALA A 689 -23.80 2.39 -17.29
C ALA A 689 -23.69 1.02 -16.64
N LEU A 690 -24.83 0.44 -16.26
CA LEU A 690 -24.86 -0.86 -15.62
C LEU A 690 -24.28 -1.92 -16.56
N GLU A 691 -24.58 -1.77 -17.84
CA GLU A 691 -24.14 -2.75 -18.79
C GLU A 691 -22.61 -2.77 -18.92
N LYS A 692 -21.97 -1.69 -18.51
CA LYS A 692 -20.51 -1.62 -18.50
C LYS A 692 -19.90 -2.47 -17.39
N VAL A 693 -20.67 -2.81 -16.36
CA VAL A 693 -20.13 -3.65 -15.28
C VAL A 693 -20.90 -4.97 -15.08
N ASP A 694 -21.99 -5.13 -15.82
CA ASP A 694 -22.81 -6.32 -15.66
C ASP A 694 -23.41 -6.63 -17.01
N TYR A 695 -23.02 -7.76 -17.59
CA TYR A 695 -23.48 -8.14 -18.90
C TYR A 695 -23.14 -9.58 -19.15
N PRO A 696 -24.10 -10.47 -18.90
CA PRO A 696 -23.85 -11.90 -19.02
C PRO A 696 -23.23 -12.19 -20.39
N GLY A 697 -22.21 -13.04 -20.43
CA GLY A 697 -21.53 -13.32 -21.67
C GLY A 697 -20.29 -12.47 -21.94
N ARG A 698 -20.23 -11.29 -21.32
CA ARG A 698 -19.07 -10.40 -21.49
C ARG A 698 -18.15 -10.40 -20.27
N ARG A 699 -16.90 -10.01 -20.50
CA ARG A 699 -15.93 -10.01 -19.43
C ARG A 699 -15.94 -8.70 -18.67
N VAL A 700 -17.08 -8.42 -18.04
CA VAL A 700 -17.25 -7.25 -17.20
C VAL A 700 -17.16 -7.63 -15.73
N LEU A 701 -17.16 -6.63 -14.86
CA LEU A 701 -16.94 -6.87 -13.42
C LEU A 701 -17.75 -8.00 -12.78
N THR A 702 -19.05 -8.04 -13.02
CA THR A 702 -19.87 -9.08 -12.38
C THR A 702 -19.55 -10.46 -12.95
N GLU A 703 -19.18 -10.51 -14.23
CA GLU A 703 -18.84 -11.79 -14.87
C GLU A 703 -17.51 -12.32 -14.36
N LEU A 704 -16.54 -11.43 -14.20
CA LEU A 704 -15.22 -11.82 -13.76
C LEU A 704 -15.26 -12.31 -12.33
N ASN A 705 -16.09 -11.66 -11.53
CA ASN A 705 -16.25 -12.01 -10.14
C ASN A 705 -16.89 -13.39 -10.08
N SER A 706 -17.92 -13.60 -10.89
CA SER A 706 -18.53 -14.92 -10.95
C SER A 706 -17.49 -15.98 -11.29
N LEU A 707 -16.76 -15.74 -12.38
CA LEU A 707 -15.73 -16.67 -12.84
C LEU A 707 -14.66 -16.93 -11.78
N ILE A 708 -14.10 -15.87 -11.23
CA ILE A 708 -13.08 -16.00 -10.21
C ILE A 708 -13.60 -16.76 -9.00
N SER A 709 -14.82 -16.43 -8.56
CA SER A 709 -15.43 -17.11 -7.42
C SER A 709 -15.58 -18.61 -7.66
N ARG A 710 -16.09 -18.98 -8.82
CA ARG A 710 -16.28 -20.39 -9.16
C ARG A 710 -14.96 -21.16 -9.11
N LEU A 711 -13.95 -20.63 -9.81
CA LEU A 711 -12.67 -21.30 -9.94
C LEU A 711 -11.81 -21.23 -8.69
N ALA A 712 -11.80 -20.10 -8.01
CA ALA A 712 -11.06 -20.01 -6.76
C ALA A 712 -11.68 -20.98 -5.75
N ASP A 713 -12.97 -21.20 -5.87
CA ASP A 713 -13.67 -22.16 -5.03
C ASP A 713 -13.21 -23.60 -5.31
N ASP A 714 -13.16 -23.97 -6.58
CA ASP A 714 -12.73 -25.33 -6.94
C ASP A 714 -11.30 -25.63 -6.51
N THR A 715 -10.41 -24.65 -6.67
CA THR A 715 -8.99 -24.82 -6.34
C THR A 715 -8.72 -24.87 -4.84
N LYS A 716 -9.65 -24.35 -4.05
CA LYS A 716 -9.53 -24.38 -2.60
C LYS A 716 -10.07 -25.69 -2.04
N THR A 717 -11.26 -26.08 -2.49
CA THR A 717 -11.90 -27.30 -2.02
C THR A 717 -11.08 -28.53 -2.40
N TYR A 718 -10.95 -28.77 -3.70
CA TYR A 718 -10.21 -29.91 -4.23
C TYR A 718 -8.90 -30.17 -3.47
N ALA A 728 -17.23 -33.36 -10.22
CA ALA A 728 -18.17 -32.27 -10.05
C ALA A 728 -17.44 -30.93 -9.91
N SER A 729 -16.18 -30.89 -10.31
CA SER A 729 -15.40 -29.64 -10.29
C SER A 729 -14.72 -29.37 -11.62
N SER A 730 -14.17 -28.17 -11.78
CA SER A 730 -13.48 -27.82 -13.01
C SER A 730 -12.25 -28.70 -13.23
N ILE A 731 -11.55 -29.03 -12.15
CA ILE A 731 -10.42 -29.94 -12.24
C ILE A 731 -10.87 -31.23 -12.93
N GLU A 732 -11.85 -31.91 -12.33
CA GLU A 732 -12.30 -33.21 -12.83
C GLU A 732 -12.86 -33.14 -14.26
N CYS A 733 -13.46 -32.00 -14.59
CA CYS A 733 -13.96 -31.77 -15.95
C CYS A 733 -12.82 -31.77 -16.98
N TYR A 734 -11.75 -31.05 -16.66
CA TYR A 734 -10.60 -30.94 -17.55
C TYR A 734 -9.93 -32.30 -17.73
N MET A 735 -9.87 -33.09 -16.67
CA MET A 735 -9.29 -34.43 -16.73
C MET A 735 -10.14 -35.39 -17.53
N LYS A 736 -11.44 -35.13 -17.60
CA LYS A 736 -12.30 -35.89 -18.51
C LYS A 736 -12.04 -35.41 -19.93
N ASP A 737 -11.91 -34.10 -20.10
CA ASP A 737 -11.58 -33.53 -21.40
C ASP A 737 -10.21 -34.03 -21.89
N HIS A 738 -9.28 -34.21 -20.95
CA HIS A 738 -7.90 -34.59 -21.28
C HIS A 738 -7.44 -35.81 -20.46
N PRO A 739 -7.87 -37.00 -20.90
CA PRO A 739 -7.66 -38.29 -20.25
C PRO A 739 -6.20 -38.54 -19.88
N GLU A 740 -5.28 -37.99 -20.66
CA GLU A 740 -3.87 -38.26 -20.45
C GLU A 740 -3.23 -37.30 -19.47
N CYS A 741 -3.75 -36.07 -19.46
CA CYS A 741 -3.30 -35.06 -18.51
C CYS A 741 -3.45 -35.56 -17.09
N THR A 742 -2.54 -35.15 -16.22
CA THR A 742 -2.58 -35.56 -14.83
C THR A 742 -3.37 -34.54 -14.02
N GLU A 743 -3.40 -34.73 -12.70
CA GLU A 743 -4.15 -33.85 -11.82
C GLU A 743 -3.51 -32.48 -11.70
N GLU A 744 -2.21 -32.48 -11.40
CA GLU A 744 -1.50 -31.22 -11.22
C GLU A 744 -1.49 -30.40 -12.52
N GLU A 745 -1.46 -31.08 -13.67
CA GLU A 745 -1.66 -30.41 -14.95
C GLU A 745 -3.04 -29.76 -15.00
N ALA A 746 -4.08 -30.52 -14.69
CA ALA A 746 -5.44 -29.99 -14.68
C ALA A 746 -5.56 -28.75 -13.77
N LEU A 747 -5.01 -28.83 -12.58
CA LEU A 747 -5.04 -27.72 -11.63
C LEU A 747 -4.31 -26.50 -12.17
N ASP A 748 -3.08 -26.71 -12.65
CA ASP A 748 -2.30 -25.61 -13.19
C ASP A 748 -3.06 -24.94 -14.32
N HIS A 749 -3.84 -25.72 -15.06
CA HIS A 749 -4.64 -25.15 -16.12
C HIS A 749 -5.77 -24.28 -15.56
N ILE A 750 -6.37 -24.69 -14.44
CA ILE A 750 -7.39 -23.85 -13.82
C ILE A 750 -6.78 -22.53 -13.33
N TYR A 751 -5.54 -22.59 -12.84
CA TYR A 751 -4.85 -21.35 -12.47
C TYR A 751 -4.56 -20.48 -13.69
N SER A 752 -4.27 -21.12 -14.83
CA SER A 752 -4.02 -20.38 -16.07
C SER A 752 -5.26 -19.61 -16.52
N ILE A 753 -6.42 -19.97 -16.00
CA ILE A 753 -7.65 -19.25 -16.30
C ILE A 753 -7.89 -18.13 -15.28
N LEU A 754 -7.55 -18.41 -14.02
CA LEU A 754 -7.73 -17.46 -12.91
C LEU A 754 -6.83 -16.22 -13.04
N GLU A 755 -5.53 -16.43 -13.15
CA GLU A 755 -4.59 -15.32 -13.16
C GLU A 755 -4.92 -14.22 -14.18
N PRO A 756 -5.27 -14.59 -15.42
CA PRO A 756 -5.69 -13.58 -16.40
C PRO A 756 -7.00 -12.89 -16.00
N ALA A 757 -7.93 -13.64 -15.42
CA ALA A 757 -9.20 -13.10 -14.97
C ALA A 757 -8.97 -12.05 -13.89
N VAL A 758 -8.09 -12.35 -12.95
CA VAL A 758 -7.77 -11.41 -11.91
C VAL A 758 -7.21 -10.10 -12.47
N LYS A 759 -6.32 -10.20 -13.46
CA LYS A 759 -5.76 -9.00 -14.09
C LYS A 759 -6.84 -8.18 -14.78
N GLU A 760 -7.74 -8.86 -15.51
CA GLU A 760 -8.87 -8.19 -16.14
C GLU A 760 -9.75 -7.48 -15.10
N LEU A 761 -10.01 -8.16 -14.00
CA LEU A 761 -10.78 -7.57 -12.88
C LEU A 761 -10.17 -6.23 -12.43
N THR A 762 -8.87 -6.23 -12.21
CA THR A 762 -8.14 -5.05 -11.78
C THR A 762 -8.29 -3.91 -12.81
N ARG A 763 -8.15 -4.24 -14.09
CA ARG A 763 -8.30 -3.21 -15.12
C ARG A 763 -9.73 -2.67 -15.21
N GLU A 764 -10.71 -3.55 -15.15
CA GLU A 764 -12.09 -3.11 -15.20
C GLU A 764 -12.39 -2.20 -14.02
N PHE A 765 -11.81 -2.54 -12.87
CA PHE A 765 -12.02 -1.75 -11.66
C PHE A 765 -11.43 -0.35 -11.83
N LEU A 766 -10.15 -0.30 -12.14
CA LEU A 766 -9.38 0.94 -12.16
C LEU A 766 -9.60 1.80 -13.41
N LYS A 767 -10.03 1.16 -14.48
CA LYS A 767 -10.29 1.84 -15.75
C LYS A 767 -11.09 3.12 -15.58
N PRO A 768 -10.64 4.20 -16.24
CA PRO A 768 -11.45 5.42 -16.26
C PRO A 768 -12.68 5.22 -17.15
N ASP A 769 -13.84 5.60 -16.64
CA ASP A 769 -15.10 5.53 -17.36
C ASP A 769 -16.11 6.38 -16.61
N ASP A 770 -17.34 6.44 -17.10
CA ASP A 770 -18.34 7.27 -16.46
C ASP A 770 -19.30 6.47 -15.57
N VAL A 771 -18.83 5.31 -15.10
CA VAL A 771 -19.56 4.55 -14.10
C VAL A 771 -19.19 5.06 -12.70
N PRO A 772 -20.19 5.30 -11.84
CA PRO A 772 -19.95 5.73 -10.46
C PRO A 772 -18.91 4.84 -9.79
N PHE A 773 -17.78 5.41 -9.42
CA PHE A 773 -16.68 4.60 -8.92
C PHE A 773 -17.02 3.79 -7.66
N ALA A 774 -17.92 4.32 -6.83
CA ALA A 774 -18.34 3.61 -5.62
C ALA A 774 -18.95 2.25 -5.97
N CYS A 775 -19.69 2.21 -7.06
CA CYS A 775 -20.29 0.97 -7.56
C CYS A 775 -19.23 -0.02 -8.00
N LYS A 776 -18.28 0.46 -8.79
CA LYS A 776 -17.19 -0.37 -9.30
C LYS A 776 -16.38 -0.90 -8.13
N LYS A 777 -16.18 -0.06 -7.13
CA LYS A 777 -15.38 -0.43 -5.97
C LYS A 777 -16.11 -1.45 -5.10
N MET A 778 -17.42 -1.28 -4.95
CA MET A 778 -18.21 -2.28 -4.25
C MET A 778 -18.08 -3.68 -4.89
N LEU A 779 -18.19 -3.77 -6.21
CA LEU A 779 -18.04 -5.06 -6.90
C LEU A 779 -16.65 -5.65 -6.69
N PHE A 780 -15.63 -4.81 -6.84
CA PHE A 780 -14.25 -5.23 -6.70
C PHE A 780 -13.92 -5.72 -5.29
N GLU A 781 -14.28 -4.90 -4.29
CA GLU A 781 -14.01 -5.25 -2.90
C GLU A 781 -14.68 -6.54 -2.46
N GLU A 782 -15.86 -6.83 -3.00
CA GLU A 782 -16.52 -8.09 -2.68
C GLU A 782 -15.68 -9.24 -3.24
N THR A 783 -15.12 -9.03 -4.42
CA THR A 783 -14.24 -10.03 -5.01
C THR A 783 -13.00 -10.25 -4.12
N ARG A 784 -12.40 -9.16 -3.66
CA ARG A 784 -11.21 -9.26 -2.81
C ARG A 784 -11.45 -10.02 -1.50
N VAL A 785 -12.57 -9.76 -0.86
CA VAL A 785 -12.92 -10.45 0.37
C VAL A 785 -13.22 -11.92 0.10
N THR A 786 -13.89 -12.19 -1.01
CA THR A 786 -14.08 -13.57 -1.48
C THR A 786 -12.72 -14.25 -1.67
N MET A 787 -11.81 -13.57 -2.35
CA MET A 787 -10.49 -14.14 -2.61
C MET A 787 -9.76 -14.44 -1.31
N VAL A 788 -10.02 -13.65 -0.28
CA VAL A 788 -9.43 -13.94 1.02
C VAL A 788 -10.04 -15.26 1.50
N ILE A 789 -11.36 -15.34 1.49
CA ILE A 789 -12.06 -16.54 1.93
C ILE A 789 -11.57 -17.84 1.28
N PHE A 790 -11.20 -17.78 0.00
CA PHE A 790 -10.84 -18.99 -0.76
C PHE A 790 -9.36 -19.10 -1.12
N LYS A 791 -8.45 -18.80 -0.20
CA LYS A 791 -7.02 -18.90 -0.51
C LYS A 791 -6.39 -20.15 0.08
N LEU A 801 -11.77 -22.16 10.10
CA LEU A 801 -12.12 -21.58 11.39
C LEU A 801 -11.80 -20.10 11.42
N GLU A 802 -11.04 -19.63 10.43
CA GLU A 802 -10.56 -18.26 10.41
C GLU A 802 -11.51 -17.26 9.72
N VAL A 803 -12.65 -17.76 9.26
CA VAL A 803 -13.70 -16.88 8.76
C VAL A 803 -14.19 -16.07 9.95
N LYS A 804 -14.27 -16.76 11.10
CA LYS A 804 -14.69 -16.20 12.37
C LYS A 804 -13.62 -15.28 12.96
N ASP A 805 -12.35 -15.61 12.75
CA ASP A 805 -11.26 -14.82 13.29
C ASP A 805 -11.23 -13.46 12.61
N HIS A 806 -11.64 -13.46 11.35
CA HIS A 806 -11.74 -12.23 10.59
C HIS A 806 -12.94 -11.38 11.05
N ILE A 807 -14.04 -12.05 11.38
CA ILE A 807 -15.20 -11.35 11.92
C ILE A 807 -14.84 -10.68 13.25
N LYS A 808 -14.14 -11.41 14.12
CA LYS A 808 -13.70 -10.85 15.40
C LYS A 808 -12.87 -9.57 15.20
N GLU A 809 -11.83 -9.69 14.39
CA GLU A 809 -10.85 -8.61 14.19
C GLU A 809 -11.50 -7.37 13.59
N CYS A 810 -12.36 -7.63 12.61
CA CYS A 810 -12.96 -6.60 11.78
C CYS A 810 -14.20 -5.95 12.40
N LEU A 811 -15.08 -6.75 12.98
CA LEU A 811 -16.40 -6.28 13.40
C LEU A 811 -16.62 -6.20 14.90
N ILE A 812 -15.93 -7.06 15.65
CA ILE A 812 -16.24 -7.22 17.06
C ILE A 812 -15.36 -6.39 17.99
N GLU A 813 -14.05 -6.50 17.84
CA GLU A 813 -13.18 -5.83 18.79
C GLU A 813 -12.59 -4.54 18.26
N PRO A 814 -12.69 -3.48 19.08
CA PRO A 814 -12.27 -2.13 18.71
C PRO A 814 -10.78 -1.95 18.93
N LEU A 815 -10.21 -0.92 18.32
CA LEU A 815 -8.85 -0.57 18.61
C LEU A 815 -8.83 0.12 19.96
N PRO A 816 -7.81 -0.18 20.77
CA PRO A 816 -7.66 0.49 22.06
C PRO A 816 -7.27 1.95 21.86
N LEU A 817 -7.99 2.86 22.52
CA LEU A 817 -7.64 4.27 22.50
C LEU A 817 -7.12 4.70 23.86
#